data_1DXG
# 
_entry.id   1DXG 
# 
_audit_conform.dict_name       mmcif_pdbx.dic 
_audit_conform.dict_version    5.385 
_audit_conform.dict_location   http://mmcif.pdb.org/dictionaries/ascii/mmcif_pdbx.dic 
# 
loop_
_database_2.database_id 
_database_2.database_code 
_database_2.pdbx_database_accession 
_database_2.pdbx_DOI 
PDB   1DXG         pdb_00001dxg 10.2210/pdb1dxg/pdb 
WWPDB D_1000172956 ?            ?                   
# 
loop_
_pdbx_audit_revision_history.ordinal 
_pdbx_audit_revision_history.data_content_type 
_pdbx_audit_revision_history.major_revision 
_pdbx_audit_revision_history.minor_revision 
_pdbx_audit_revision_history.revision_date 
1 'Structure model' 1 0 1997-11-12 
2 'Structure model' 1 1 2008-03-24 
3 'Structure model' 1 2 2011-07-13 
4 'Structure model' 1 3 2024-02-07 
# 
_pdbx_audit_revision_details.ordinal             1 
_pdbx_audit_revision_details.revision_ordinal    1 
_pdbx_audit_revision_details.data_content_type   'Structure model' 
_pdbx_audit_revision_details.provider            repository 
_pdbx_audit_revision_details.type                'Initial release' 
_pdbx_audit_revision_details.description         ? 
_pdbx_audit_revision_details.details             ? 
# 
loop_
_pdbx_audit_revision_group.ordinal 
_pdbx_audit_revision_group.revision_ordinal 
_pdbx_audit_revision_group.data_content_type 
_pdbx_audit_revision_group.group 
1 2 'Structure model' 'Version format compliance' 
2 3 'Structure model' 'Version format compliance' 
3 4 'Structure model' 'Data collection'           
4 4 'Structure model' 'Database references'       
5 4 'Structure model' 'Derived calculations'      
6 4 'Structure model' Other                       
# 
loop_
_pdbx_audit_revision_category.ordinal 
_pdbx_audit_revision_category.revision_ordinal 
_pdbx_audit_revision_category.data_content_type 
_pdbx_audit_revision_category.category 
1 4 'Structure model' chem_comp_atom       
2 4 'Structure model' chem_comp_bond       
3 4 'Structure model' database_2           
4 4 'Structure model' pdbx_database_status 
5 4 'Structure model' struct_conn          
6 4 'Structure model' struct_site          
# 
loop_
_pdbx_audit_revision_item.ordinal 
_pdbx_audit_revision_item.revision_ordinal 
_pdbx_audit_revision_item.data_content_type 
_pdbx_audit_revision_item.item 
1  4 'Structure model' '_database_2.pdbx_DOI'                
2  4 'Structure model' '_database_2.pdbx_database_accession' 
3  4 'Structure model' '_pdbx_database_status.process_site'  
4  4 'Structure model' '_struct_conn.ptnr1_auth_comp_id'     
5  4 'Structure model' '_struct_conn.ptnr1_auth_seq_id'      
6  4 'Structure model' '_struct_conn.ptnr1_label_asym_id'    
7  4 'Structure model' '_struct_conn.ptnr1_label_atom_id'    
8  4 'Structure model' '_struct_conn.ptnr1_label_comp_id'    
9  4 'Structure model' '_struct_conn.ptnr1_label_seq_id'     
10 4 'Structure model' '_struct_conn.ptnr2_auth_comp_id'     
11 4 'Structure model' '_struct_conn.ptnr2_auth_seq_id'      
12 4 'Structure model' '_struct_conn.ptnr2_label_asym_id'    
13 4 'Structure model' '_struct_conn.ptnr2_label_atom_id'    
14 4 'Structure model' '_struct_conn.ptnr2_label_comp_id'    
15 4 'Structure model' '_struct_conn.ptnr2_label_seq_id'     
16 4 'Structure model' '_struct_site.pdbx_auth_asym_id'      
17 4 'Structure model' '_struct_site.pdbx_auth_comp_id'      
18 4 'Structure model' '_struct_site.pdbx_auth_seq_id'       
# 
_pdbx_database_status.status_code                     REL 
_pdbx_database_status.entry_id                        1DXG 
_pdbx_database_status.recvd_initial_deposition_date   1997-07-04 
_pdbx_database_status.deposit_site                    ? 
_pdbx_database_status.process_site                    BNL 
_pdbx_database_status.SG_entry                        . 
_pdbx_database_status.pdb_format_compatible           Y 
_pdbx_database_status.status_code_mr                  ? 
_pdbx_database_status.status_code_sf                  ? 
_pdbx_database_status.status_code_cs                  ? 
_pdbx_database_status.status_code_nmr_data            ? 
_pdbx_database_status.methods_development_category    ? 
# 
loop_
_audit_author.name 
_audit_author.pdbx_ordinal 
'Archer, M.'  1 
'Huber, R.'   2 
'Romao, M.J.' 3 
# 
_citation.id                        primary 
_citation.title                     
;Crystal structure of desulforedoxin from Desulfovibrio gigas determined at 1.8 A resolution: a novel non-heme iron protein structure.
;
_citation.journal_abbrev            J.Mol.Biol. 
_citation.journal_volume            251 
_citation.page_first                690 
_citation.page_last                 702 
_citation.year                      1995 
_citation.journal_id_ASTM           JMOBAK 
_citation.country                   UK 
_citation.journal_id_ISSN           0022-2836 
_citation.journal_id_CSD            0070 
_citation.book_publisher            ? 
_citation.pdbx_database_id_PubMed   7666420 
_citation.pdbx_database_id_DOI      10.1006/jmbi.1995.0465 
# 
loop_
_citation_author.citation_id 
_citation_author.name 
_citation_author.ordinal 
_citation_author.identifier_ORCID 
primary 'Archer, M.'     1 ? 
primary 'Huber, R.'      2 ? 
primary 'Tavares, P.'    3 ? 
primary 'Moura, I.'      4 ? 
primary 'Moura, J.J.'    5 ? 
primary 'Carrondo, M.A.' 6 ? 
primary 'Sieker, L.C.'   7 ? 
primary 'LeGall, J.'     8 ? 
primary 'Romao, M.J.'    9 ? 
# 
loop_
_entity.id 
_entity.type 
_entity.src_method 
_entity.pdbx_description 
_entity.formula_weight 
_entity.pdbx_number_of_molecules 
_entity.pdbx_ec 
_entity.pdbx_mutation 
_entity.pdbx_fragment 
_entity.details 
1 polymer     nat DESULFOREDOXIN 3807.350 2  ? ? ? ? 
2 non-polymer syn 'FE (III) ION' 55.845   2  ? ? ? ? 
3 water       nat water          18.015   69 ? ? ? ? 
# 
_entity_poly.entity_id                      1 
_entity_poly.type                           'polypeptide(L)' 
_entity_poly.nstd_linkage                   no 
_entity_poly.nstd_monomer                   no 
_entity_poly.pdbx_seq_one_letter_code       ANEGDVYKCELCGQVVKVLEEGGGTLVCCGEDMVKQ 
_entity_poly.pdbx_seq_one_letter_code_can   ANEGDVYKCELCGQVVKVLEEGGGTLVCCGEDMVKQ 
_entity_poly.pdbx_strand_id                 A,B 
_entity_poly.pdbx_target_identifier         ? 
# 
loop_
_pdbx_entity_nonpoly.entity_id 
_pdbx_entity_nonpoly.name 
_pdbx_entity_nonpoly.comp_id 
2 'FE (III) ION' FE  
3 water          HOH 
# 
loop_
_entity_poly_seq.entity_id 
_entity_poly_seq.num 
_entity_poly_seq.mon_id 
_entity_poly_seq.hetero 
1 1  ALA n 
1 2  ASN n 
1 3  GLU n 
1 4  GLY n 
1 5  ASP n 
1 6  VAL n 
1 7  TYR n 
1 8  LYS n 
1 9  CYS n 
1 10 GLU n 
1 11 LEU n 
1 12 CYS n 
1 13 GLY n 
1 14 GLN n 
1 15 VAL n 
1 16 VAL n 
1 17 LYS n 
1 18 VAL n 
1 19 LEU n 
1 20 GLU n 
1 21 GLU n 
1 22 GLY n 
1 23 GLY n 
1 24 GLY n 
1 25 THR n 
1 26 LEU n 
1 27 VAL n 
1 28 CYS n 
1 29 CYS n 
1 30 GLY n 
1 31 GLU n 
1 32 ASP n 
1 33 MET n 
1 34 VAL n 
1 35 LYS n 
1 36 GLN n 
# 
_entity_src_nat.entity_id                  1 
_entity_src_nat.pdbx_src_id                1 
_entity_src_nat.pdbx_alt_source_flag       sample 
_entity_src_nat.pdbx_beg_seq_num           ? 
_entity_src_nat.pdbx_end_seq_num           ? 
_entity_src_nat.common_name                ? 
_entity_src_nat.pdbx_organism_scientific   'Desulfovibrio gigas' 
_entity_src_nat.pdbx_ncbi_taxonomy_id      879 
_entity_src_nat.genus                      Desulfovibrio 
_entity_src_nat.species                    ? 
_entity_src_nat.strain                     ? 
_entity_src_nat.tissue                     ? 
_entity_src_nat.tissue_fraction            ? 
_entity_src_nat.pdbx_secretion             ? 
_entity_src_nat.pdbx_fragment              ? 
_entity_src_nat.pdbx_variant               ? 
_entity_src_nat.pdbx_cell_line             ? 
_entity_src_nat.pdbx_atcc                  ? 
_entity_src_nat.pdbx_cellular_location     ? 
_entity_src_nat.pdbx_organ                 ? 
_entity_src_nat.pdbx_organelle             ? 
_entity_src_nat.pdbx_cell                  ? 
_entity_src_nat.pdbx_plasmid_name          ? 
_entity_src_nat.pdbx_plasmid_details       ? 
_entity_src_nat.details                    'ANAEROBIC, SULPHATE REDUCING BACTERIA' 
# 
loop_
_chem_comp.id 
_chem_comp.type 
_chem_comp.mon_nstd_flag 
_chem_comp.name 
_chem_comp.pdbx_synonyms 
_chem_comp.formula 
_chem_comp.formula_weight 
ALA 'L-peptide linking' y ALANINE         ? 'C3 H7 N O2'     89.093  
ASN 'L-peptide linking' y ASPARAGINE      ? 'C4 H8 N2 O3'    132.118 
ASP 'L-peptide linking' y 'ASPARTIC ACID' ? 'C4 H7 N O4'     133.103 
CYS 'L-peptide linking' y CYSTEINE        ? 'C3 H7 N O2 S'   121.158 
FE  non-polymer         . 'FE (III) ION'  ? 'Fe 3'           55.845  
GLN 'L-peptide linking' y GLUTAMINE       ? 'C5 H10 N2 O3'   146.144 
GLU 'L-peptide linking' y 'GLUTAMIC ACID' ? 'C5 H9 N O4'     147.129 
GLY 'peptide linking'   y GLYCINE         ? 'C2 H5 N O2'     75.067  
HOH non-polymer         . WATER           ? 'H2 O'           18.015  
LEU 'L-peptide linking' y LEUCINE         ? 'C6 H13 N O2'    131.173 
LYS 'L-peptide linking' y LYSINE          ? 'C6 H15 N2 O2 1' 147.195 
MET 'L-peptide linking' y METHIONINE      ? 'C5 H11 N O2 S'  149.211 
THR 'L-peptide linking' y THREONINE       ? 'C4 H9 N O3'     119.119 
TYR 'L-peptide linking' y TYROSINE        ? 'C9 H11 N O3'    181.189 
VAL 'L-peptide linking' y VALINE          ? 'C5 H11 N O2'    117.146 
# 
loop_
_pdbx_poly_seq_scheme.asym_id 
_pdbx_poly_seq_scheme.entity_id 
_pdbx_poly_seq_scheme.seq_id 
_pdbx_poly_seq_scheme.mon_id 
_pdbx_poly_seq_scheme.ndb_seq_num 
_pdbx_poly_seq_scheme.pdb_seq_num 
_pdbx_poly_seq_scheme.auth_seq_num 
_pdbx_poly_seq_scheme.pdb_mon_id 
_pdbx_poly_seq_scheme.auth_mon_id 
_pdbx_poly_seq_scheme.pdb_strand_id 
_pdbx_poly_seq_scheme.pdb_ins_code 
_pdbx_poly_seq_scheme.hetero 
A 1 1  ALA 1  1  1  ALA ALA A . n 
A 1 2  ASN 2  2  2  ASN ASN A . n 
A 1 3  GLU 3  3  3  GLU GLU A . n 
A 1 4  GLY 4  4  4  GLY GLY A . n 
A 1 5  ASP 5  5  5  ASP ASP A . n 
A 1 6  VAL 6  6  6  VAL VAL A . n 
A 1 7  TYR 7  7  7  TYR TYR A . n 
A 1 8  LYS 8  8  8  LYS LYS A . n 
A 1 9  CYS 9  9  9  CYS CYS A . n 
A 1 10 GLU 10 10 10 GLU GLU A . n 
A 1 11 LEU 11 11 11 LEU LEU A . n 
A 1 12 CYS 12 12 12 CYS CYS A . n 
A 1 13 GLY 13 13 13 GLY GLY A . n 
A 1 14 GLN 14 14 14 GLN GLN A . n 
A 1 15 VAL 15 15 15 VAL VAL A . n 
A 1 16 VAL 16 16 16 VAL VAL A . n 
A 1 17 LYS 17 17 17 LYS LYS A . n 
A 1 18 VAL 18 18 18 VAL VAL A . n 
A 1 19 LEU 19 19 19 LEU LEU A . n 
A 1 20 GLU 20 20 20 GLU GLU A . n 
A 1 21 GLU 21 21 21 GLU GLU A . n 
A 1 22 GLY 22 22 22 GLY GLY A . n 
A 1 23 GLY 23 23 23 GLY GLY A . n 
A 1 24 GLY 24 24 24 GLY GLY A . n 
A 1 25 THR 25 25 25 THR THR A . n 
A 1 26 LEU 26 26 26 LEU LEU A . n 
A 1 27 VAL 27 27 27 VAL VAL A . n 
A 1 28 CYS 28 28 28 CYS CYS A . n 
A 1 29 CYS 29 29 29 CYS CYS A . n 
A 1 30 GLY 30 30 30 GLY GLY A . n 
A 1 31 GLU 31 31 31 GLU GLU A . n 
A 1 32 ASP 32 32 32 ASP ASP A . n 
A 1 33 MET 33 33 33 MET MET A . n 
A 1 34 VAL 34 34 34 VAL VAL A . n 
A 1 35 LYS 35 35 35 LYS LYS A . n 
A 1 36 GLN 36 36 36 GLN GLN A . n 
B 1 1  ALA 1  1  1  ALA ALA B . n 
B 1 2  ASN 2  2  2  ASN ASN B . n 
B 1 3  GLU 3  3  3  GLU GLU B . n 
B 1 4  GLY 4  4  4  GLY GLY B . n 
B 1 5  ASP 5  5  5  ASP ASP B . n 
B 1 6  VAL 6  6  6  VAL VAL B . n 
B 1 7  TYR 7  7  7  TYR TYR B . n 
B 1 8  LYS 8  8  8  LYS LYS B . n 
B 1 9  CYS 9  9  9  CYS CYS B . n 
B 1 10 GLU 10 10 10 GLU GLU B . n 
B 1 11 LEU 11 11 11 LEU LEU B . n 
B 1 12 CYS 12 12 12 CYS CYS B . n 
B 1 13 GLY 13 13 13 GLY GLY B . n 
B 1 14 GLN 14 14 14 GLN GLN B . n 
B 1 15 VAL 15 15 15 VAL VAL B . n 
B 1 16 VAL 16 16 16 VAL VAL B . n 
B 1 17 LYS 17 17 17 LYS LYS B . n 
B 1 18 VAL 18 18 18 VAL VAL B . n 
B 1 19 LEU 19 19 19 LEU LEU B . n 
B 1 20 GLU 20 20 20 GLU GLU B . n 
B 1 21 GLU 21 21 21 GLU GLU B . n 
B 1 22 GLY 22 22 22 GLY GLY B . n 
B 1 23 GLY 23 23 23 GLY GLY B . n 
B 1 24 GLY 24 24 24 GLY GLY B . n 
B 1 25 THR 25 25 25 THR THR B . n 
B 1 26 LEU 26 26 26 LEU LEU B . n 
B 1 27 VAL 27 27 27 VAL VAL B . n 
B 1 28 CYS 28 28 28 CYS CYS B . n 
B 1 29 CYS 29 29 29 CYS CYS B . n 
B 1 30 GLY 30 30 30 GLY GLY B . n 
B 1 31 GLU 31 31 31 GLU GLU B . n 
B 1 32 ASP 32 32 32 ASP ASP B . n 
B 1 33 MET 33 33 33 MET MET B . n 
B 1 34 VAL 34 34 34 VAL VAL B . n 
B 1 35 LYS 35 35 35 LYS LYS B . n 
B 1 36 GLN 36 36 36 GLN GLN B . n 
# 
loop_
_pdbx_nonpoly_scheme.asym_id 
_pdbx_nonpoly_scheme.entity_id 
_pdbx_nonpoly_scheme.mon_id 
_pdbx_nonpoly_scheme.ndb_seq_num 
_pdbx_nonpoly_scheme.pdb_seq_num 
_pdbx_nonpoly_scheme.auth_seq_num 
_pdbx_nonpoly_scheme.pdb_mon_id 
_pdbx_nonpoly_scheme.auth_mon_id 
_pdbx_nonpoly_scheme.pdb_strand_id 
_pdbx_nonpoly_scheme.pdb_ins_code 
C 2 FE  1  37  37  FE  FE  A . 
D 2 FE  1  37  37  FE  FE  B . 
E 3 HOH 1  101 101 HOH HOH A . 
E 3 HOH 2  102 102 HOH HOH A . 
E 3 HOH 3  107 107 HOH HOH A . 
E 3 HOH 4  120 120 HOH HOH A . 
E 3 HOH 5  121 121 HOH HOH A . 
E 3 HOH 6  122 122 HOH HOH A . 
E 3 HOH 7  123 123 HOH HOH A . 
E 3 HOH 8  124 124 HOH HOH A . 
E 3 HOH 9  125 125 HOH HOH A . 
E 3 HOH 10 129 129 HOH HOH A . 
E 3 HOH 11 131 131 HOH HOH A . 
E 3 HOH 12 133 133 HOH HOH A . 
E 3 HOH 13 134 134 HOH HOH A . 
E 3 HOH 14 135 135 HOH HOH A . 
E 3 HOH 15 136 136 HOH HOH A . 
E 3 HOH 16 137 137 HOH HOH A . 
E 3 HOH 17 142 142 HOH HOH A . 
E 3 HOH 18 146 146 HOH HOH A . 
E 3 HOH 19 152 152 HOH HOH A . 
E 3 HOH 20 153 153 HOH HOH A . 
E 3 HOH 21 154 154 HOH HOH A . 
E 3 HOH 22 155 155 HOH HOH A . 
E 3 HOH 23 156 156 HOH HOH A . 
E 3 HOH 24 157 157 HOH HOH A . 
E 3 HOH 25 158 158 HOH HOH A . 
E 3 HOH 26 159 159 HOH HOH A . 
E 3 HOH 27 164 164 HOH HOH A . 
F 3 HOH 1  100 100 HOH HOH B . 
F 3 HOH 2  103 103 HOH HOH B . 
F 3 HOH 3  104 104 HOH HOH B . 
F 3 HOH 4  105 105 HOH HOH B . 
F 3 HOH 5  106 106 HOH HOH B . 
F 3 HOH 6  108 108 HOH HOH B . 
F 3 HOH 7  109 109 HOH HOH B . 
F 3 HOH 8  111 111 HOH HOH B . 
F 3 HOH 9  112 112 HOH HOH B . 
F 3 HOH 10 113 113 HOH HOH B . 
F 3 HOH 11 114 114 HOH HOH B . 
F 3 HOH 12 115 115 HOH HOH B . 
F 3 HOH 13 116 116 HOH HOH B . 
F 3 HOH 14 117 117 HOH HOH B . 
F 3 HOH 15 118 118 HOH HOH B . 
F 3 HOH 16 119 119 HOH HOH B . 
F 3 HOH 17 126 126 HOH HOH B . 
F 3 HOH 18 127 127 HOH HOH B . 
F 3 HOH 19 128 128 HOH HOH B . 
F 3 HOH 20 130 130 HOH HOH B . 
F 3 HOH 21 132 132 HOH HOH B . 
F 3 HOH 22 138 138 HOH HOH B . 
F 3 HOH 23 139 139 HOH HOH B . 
F 3 HOH 24 140 140 HOH HOH B . 
F 3 HOH 25 141 141 HOH HOH B . 
F 3 HOH 26 143 143 HOH HOH B . 
F 3 HOH 27 144 144 HOH HOH B . 
F 3 HOH 28 145 145 HOH HOH B . 
F 3 HOH 29 147 147 HOH HOH B . 
F 3 HOH 30 148 148 HOH HOH B . 
F 3 HOH 31 149 149 HOH HOH B . 
F 3 HOH 32 150 150 HOH HOH B . 
F 3 HOH 33 151 151 HOH HOH B . 
F 3 HOH 34 160 160 HOH HOH B . 
F 3 HOH 35 161 161 HOH HOH B . 
F 3 HOH 36 162 162 HOH HOH B . 
F 3 HOH 37 163 163 HOH HOH B . 
F 3 HOH 38 165 165 HOH HOH B . 
F 3 HOH 39 166 166 HOH HOH B . 
F 3 HOH 40 167 167 HOH HOH B . 
F 3 HOH 41 168 168 HOH HOH B . 
F 3 HOH 42 169 169 HOH HOH B . 
# 
loop_
_pdbx_unobs_or_zero_occ_atoms.id 
_pdbx_unobs_or_zero_occ_atoms.PDB_model_num 
_pdbx_unobs_or_zero_occ_atoms.polymer_flag 
_pdbx_unobs_or_zero_occ_atoms.occupancy_flag 
_pdbx_unobs_or_zero_occ_atoms.auth_asym_id 
_pdbx_unobs_or_zero_occ_atoms.auth_comp_id 
_pdbx_unobs_or_zero_occ_atoms.auth_seq_id 
_pdbx_unobs_or_zero_occ_atoms.PDB_ins_code 
_pdbx_unobs_or_zero_occ_atoms.auth_atom_id 
_pdbx_unobs_or_zero_occ_atoms.label_alt_id 
_pdbx_unobs_or_zero_occ_atoms.label_asym_id 
_pdbx_unobs_or_zero_occ_atoms.label_comp_id 
_pdbx_unobs_or_zero_occ_atoms.label_seq_id 
_pdbx_unobs_or_zero_occ_atoms.label_atom_id 
1  1 Y 0 A ASN 2  ? CB  ? A ASN 2  CB  
2  1 Y 0 A ASN 2  ? ND2 ? A ASN 2  ND2 
3  1 Y 0 A GLU 3  ? CG  ? A GLU 3  CG  
4  1 Y 0 A GLU 3  ? CD  ? A GLU 3  CD  
5  1 Y 0 A GLU 3  ? OE1 ? A GLU 3  OE1 
6  1 Y 0 A GLU 3  ? OE2 ? A GLU 3  OE2 
7  1 Y 0 A GLU 21 ? CD  ? A GLU 21 CD  
8  1 Y 0 A GLU 21 ? OE1 ? A GLU 21 OE1 
9  1 Y 0 A GLU 21 ? OE2 ? A GLU 21 OE2 
10 1 Y 0 B GLU 3  ? CG  ? B GLU 3  CG  
11 1 Y 0 B GLU 3  ? CD  ? B GLU 3  CD  
12 1 Y 0 B GLU 3  ? OE1 ? B GLU 3  OE1 
13 1 Y 0 B GLU 21 ? CD  ? B GLU 21 CD  
14 1 Y 0 B GLU 21 ? OE1 ? B GLU 21 OE1 
15 1 Y 0 B GLU 21 ? OE2 ? B GLU 21 OE2 
# 
loop_
_software.name 
_software.classification 
_software.version 
_software.citation_id 
_software.pdbx_ordinal 
PROTEIN 'model building' .   ? 1 
X-PLOR  refinement       3.1 ? 2 
MOSFLM  'data reduction' .   ? 3 
CCP4    'data scaling'   .   ? 4 
PROTEIN phasing          .   ? 5 
# 
_cell.entry_id           1DXG 
_cell.length_a           42.180 
_cell.length_b           42.180 
_cell.length_c           72.220 
_cell.angle_alpha        90.00 
_cell.angle_beta         90.00 
_cell.angle_gamma        120.00 
_cell.Z_PDB              12 
_cell.pdbx_unique_axis   ? 
# 
_symmetry.entry_id                         1DXG 
_symmetry.space_group_name_H-M             'P 32 2 1' 
_symmetry.pdbx_full_space_group_name_H-M   ? 
_symmetry.cell_setting                     ? 
_symmetry.Int_Tables_number                154 
# 
_exptl.entry_id          1DXG 
_exptl.method            'X-RAY DIFFRACTION' 
_exptl.crystals_number   1 
# 
_exptl_crystal.id                    1 
_exptl_crystal.density_meas          ? 
_exptl_crystal.density_Matthews      2.4 
_exptl_crystal.density_percent_sol   50. 
_exptl_crystal.description           ? 
# 
_exptl_crystal_grow.crystal_id      1 
_exptl_crystal_grow.method          ? 
_exptl_crystal_grow.temp            ? 
_exptl_crystal_grow.temp_details    ? 
_exptl_crystal_grow.pH              4.5 
_exptl_crystal_grow.pdbx_pH_range   ? 
_exptl_crystal_grow.pdbx_details    '10% PEG 4K, 0.1M SODIUM ACETATE (PH 4.5)' 
# 
_diffrn.id                     1 
_diffrn.ambient_temp           269 
_diffrn.ambient_temp_details   ? 
_diffrn.crystal_id             1 
# 
_diffrn_detector.diffrn_id              1 
_diffrn_detector.detector               'IMAGE PLATE' 
_diffrn_detector.type                   MARRESEARCH 
_diffrn_detector.pdbx_collection_date   ? 
_diffrn_detector.details                ? 
# 
_diffrn_radiation.diffrn_id                        1 
_diffrn_radiation.wavelength_id                    1 
_diffrn_radiation.pdbx_monochromatic_or_laue_m_l   M 
_diffrn_radiation.monochromator                    'GRAPHITE(002)' 
_diffrn_radiation.pdbx_diffrn_protocol             ? 
_diffrn_radiation.pdbx_scattering_type             x-ray 
# 
_diffrn_radiation_wavelength.id           1 
_diffrn_radiation_wavelength.wavelength   1.5418 
_diffrn_radiation_wavelength.wt           1.0 
# 
_diffrn_source.diffrn_id                   1 
_diffrn_source.source                      'ROTATING ANODE' 
_diffrn_source.type                        'ENRAF-NONIUS FR571' 
_diffrn_source.pdbx_synchrotron_site       ? 
_diffrn_source.pdbx_synchrotron_beamline   ? 
_diffrn_source.pdbx_wavelength             1.5418 
_diffrn_source.pdbx_wavelength_list        ? 
# 
_reflns.entry_id                     1DXG 
_reflns.observed_criterion_sigma_I   ? 
_reflns.observed_criterion_sigma_F   ? 
_reflns.d_resolution_low             11.4 
_reflns.d_resolution_high            1.8 
_reflns.number_obs                   6529 
_reflns.number_all                   ? 
_reflns.percent_possible_obs         94.2 
_reflns.pdbx_Rmerge_I_obs            0.0830000 
_reflns.pdbx_Rsym_value              ? 
_reflns.pdbx_netI_over_sigmaI        ? 
_reflns.B_iso_Wilson_estimate        ? 
_reflns.pdbx_redundancy              4.8 
_reflns.pdbx_diffrn_id               1 
_reflns.pdbx_ordinal                 1 
# 
_reflns_shell.d_res_high             1.83 
_reflns_shell.d_res_low              1.87 
_reflns_shell.percent_possible_all   82.4 
_reflns_shell.Rmerge_I_obs           ? 
_reflns_shell.pdbx_Rsym_value        ? 
_reflns_shell.meanI_over_sigI_obs    ? 
_reflns_shell.pdbx_redundancy        ? 
_reflns_shell.pdbx_diffrn_id         ? 
_reflns_shell.pdbx_ordinal           1 
# 
_refine.entry_id                                 1DXG 
_refine.ls_number_reflns_obs                     10346 
_refine.ls_number_reflns_all                     ? 
_refine.pdbx_ls_sigma_I                          ? 
_refine.pdbx_ls_sigma_F                          2. 
_refine.pdbx_data_cutoff_high_absF               ? 
_refine.pdbx_data_cutoff_low_absF                ? 
_refine.pdbx_data_cutoff_high_rms_absF           ? 
_refine.ls_d_res_low                             8.0 
_refine.ls_d_res_high                            1.8 
_refine.ls_percent_reflns_obs                    94.6 
_refine.ls_R_factor_obs                          0.1690000 
_refine.ls_R_factor_all                          ? 
_refine.ls_R_factor_R_work                       0.1690000 
_refine.ls_R_factor_R_free                       0.1870000 
_refine.ls_R_factor_R_free_error                 ? 
_refine.ls_R_factor_R_free_error_details         ? 
_refine.ls_percent_reflns_R_free                 7.5 
_refine.ls_number_reflns_R_free                  785 
_refine.ls_number_parameters                     ? 
_refine.ls_number_restraints                     ? 
_refine.occupancy_min                            ? 
_refine.occupancy_max                            ? 
_refine.B_iso_mean                               14.2 
_refine.aniso_B[1][1]                            ? 
_refine.aniso_B[2][2]                            ? 
_refine.aniso_B[3][3]                            ? 
_refine.aniso_B[1][2]                            ? 
_refine.aniso_B[1][3]                            ? 
_refine.aniso_B[2][3]                            ? 
_refine.solvent_model_details                    ? 
_refine.solvent_model_param_ksol                 ? 
_refine.solvent_model_param_bsol                 ? 
_refine.pdbx_ls_cross_valid_method               R-FREE 
_refine.details                                  ? 
_refine.pdbx_starting_model                      ? 
_refine.pdbx_method_to_determine_struct          SIRAS 
_refine.pdbx_isotropic_thermal_model             ? 
_refine.pdbx_stereochemistry_target_values       ? 
_refine.pdbx_stereochem_target_val_spec_case     ? 
_refine.pdbx_R_Free_selection_details            RANDOM 
_refine.pdbx_overall_ESU_R                       ? 
_refine.pdbx_overall_ESU_R_Free                  ? 
_refine.overall_SU_ML                            ? 
_refine.overall_SU_B                             ? 
_refine.pdbx_refine_id                           'X-RAY DIFFRACTION' 
_refine.pdbx_diffrn_id                           1 
_refine.pdbx_TLS_residual_ADP_flag               ? 
_refine.correlation_coeff_Fo_to_Fc               ? 
_refine.correlation_coeff_Fo_to_Fc_free          ? 
_refine.pdbx_solvent_vdw_probe_radii             ? 
_refine.pdbx_solvent_ion_probe_radii             ? 
_refine.pdbx_solvent_shrinkage_radii             ? 
_refine.pdbx_overall_phase_error                 ? 
_refine.overall_SU_R_Cruickshank_DPI             ? 
_refine.pdbx_overall_SU_R_free_Cruickshank_DPI   ? 
_refine.pdbx_overall_SU_R_Blow_DPI               ? 
_refine.pdbx_overall_SU_R_free_Blow_DPI          ? 
# 
_refine_hist.pdbx_refine_id                   'X-RAY DIFFRACTION' 
_refine_hist.cycle_id                         LAST 
_refine_hist.pdbx_number_atoms_protein        594 
_refine_hist.pdbx_number_atoms_nucleic_acid   0 
_refine_hist.pdbx_number_atoms_ligand         2 
_refine_hist.number_atoms_solvent             69 
_refine_hist.number_atoms_total               665 
_refine_hist.d_res_high                       1.8 
_refine_hist.d_res_low                        8.0 
# 
loop_
_refine_ls_restr.type 
_refine_ls_restr.dev_ideal 
_refine_ls_restr.dev_ideal_target 
_refine_ls_restr.weight 
_refine_ls_restr.number 
_refine_ls_restr.pdbx_refine_id 
_refine_ls_restr.pdbx_restraint_function 
x_bond_d                0.012 ? ? ? 'X-RAY DIFFRACTION' ? 
x_bond_d_na             ?     ? ? ? 'X-RAY DIFFRACTION' ? 
x_bond_d_prot           ?     ? ? ? 'X-RAY DIFFRACTION' ? 
x_angle_d               ?     ? ? ? 'X-RAY DIFFRACTION' ? 
x_angle_d_na            ?     ? ? ? 'X-RAY DIFFRACTION' ? 
x_angle_d_prot          ?     ? ? ? 'X-RAY DIFFRACTION' ? 
x_angle_deg             2.3   ? ? ? 'X-RAY DIFFRACTION' ? 
x_angle_deg_na          ?     ? ? ? 'X-RAY DIFFRACTION' ? 
x_angle_deg_prot        ?     ? ? ? 'X-RAY DIFFRACTION' ? 
x_dihedral_angle_d      27.3  ? ? ? 'X-RAY DIFFRACTION' ? 
x_dihedral_angle_d_na   ?     ? ? ? 'X-RAY DIFFRACTION' ? 
x_dihedral_angle_d_prot ?     ? ? ? 'X-RAY DIFFRACTION' ? 
x_improper_angle_d      0.84  ? ? ? 'X-RAY DIFFRACTION' ? 
x_improper_angle_d_na   ?     ? ? ? 'X-RAY DIFFRACTION' ? 
x_improper_angle_d_prot ?     ? ? ? 'X-RAY DIFFRACTION' ? 
x_mcbond_it             3.    ? ? ? 'X-RAY DIFFRACTION' ? 
x_mcangle_it            5.    ? ? ? 'X-RAY DIFFRACTION' ? 
x_scbond_it             3.    ? ? ? 'X-RAY DIFFRACTION' ? 
x_scangle_it            5.    ? ? ? 'X-RAY DIFFRACTION' ? 
# 
_refine_ls_shell.pdbx_total_number_of_bins_used   8 
_refine_ls_shell.d_res_high                       1.83 
_refine_ls_shell.d_res_low                        1.91 
_refine_ls_shell.number_reflns_R_work             972 
_refine_ls_shell.R_factor_R_work                  0.2190000 
_refine_ls_shell.percent_reflns_obs               83.7 
_refine_ls_shell.R_factor_R_free                  0.2640000 
_refine_ls_shell.R_factor_R_free_error            ? 
_refine_ls_shell.percent_reflns_R_free            ? 
_refine_ls_shell.number_reflns_R_free             84 
_refine_ls_shell.pdbx_refine_id                   'X-RAY DIFFRACTION' 
_refine_ls_shell.number_reflns_all                ? 
_refine_ls_shell.R_factor_all                     ? 
# 
_struct_ncs_oper.id             1 
_struct_ncs_oper.code           given 
_struct_ncs_oper.details        ? 
_struct_ncs_oper.matrix[1][1]   0.59736792 
_struct_ncs_oper.matrix[1][2]   -0.65283164 
_struct_ncs_oper.matrix[1][3]   -0.46579248 
_struct_ncs_oper.matrix[2][1]   -0.64760689 
_struct_ncs_oper.matrix[2][2]   -0.73526642 
_struct_ncs_oper.matrix[2][3]   0.19997163 
_struct_ncs_oper.matrix[3][1]   -0.47302970 
_struct_ncs_oper.matrix[3][2]   0.18219380 
_struct_ncs_oper.matrix[3][3]   -0.86200250 
_struct_ncs_oper.vector[1]      -0.11959 
_struct_ncs_oper.vector[2]      0.00368 
_struct_ncs_oper.vector[3]      0.04764 
# 
_struct.entry_id                  1DXG 
_struct.title                     'CRYSTAL STRUCTURE OF DESULFOREDOXIN FROM DESULFOVIBRIO GIGAS AT 1.8 A RESOLUTION' 
_struct.pdbx_model_details        ? 
_struct.pdbx_CASP_flag            ? 
_struct.pdbx_model_type_details   ? 
# 
_struct_keywords.entry_id        1DXG 
_struct_keywords.pdbx_keywords   'NON-HEME IRON PROTEIN' 
_struct_keywords.text            'NON-HEME IRON PROTEIN, RUBREDOXIN TYPE METAL CENTER, ELECTRON TRANSPORT' 
# 
loop_
_struct_asym.id 
_struct_asym.pdbx_blank_PDB_chainid_flag 
_struct_asym.pdbx_modified 
_struct_asym.entity_id 
_struct_asym.details 
A N N 1 ? 
B N N 1 ? 
C N N 2 ? 
D N N 2 ? 
E N N 3 ? 
F N N 3 ? 
# 
_struct_ref.id                         1 
_struct_ref.db_name                    UNP 
_struct_ref.db_code                    DESR_DESGI 
_struct_ref.entity_id                  1 
_struct_ref.pdbx_db_accession          P00273 
_struct_ref.pdbx_align_begin           1 
_struct_ref.pdbx_seq_one_letter_code   ANEGDVYKCELCGQVVKVLEEGGGTLVCCGEDMVKQ 
_struct_ref.pdbx_db_isoform            ? 
# 
loop_
_struct_ref_seq.align_id 
_struct_ref_seq.ref_id 
_struct_ref_seq.pdbx_PDB_id_code 
_struct_ref_seq.pdbx_strand_id 
_struct_ref_seq.seq_align_beg 
_struct_ref_seq.pdbx_seq_align_beg_ins_code 
_struct_ref_seq.seq_align_end 
_struct_ref_seq.pdbx_seq_align_end_ins_code 
_struct_ref_seq.pdbx_db_accession 
_struct_ref_seq.db_align_beg 
_struct_ref_seq.pdbx_db_align_beg_ins_code 
_struct_ref_seq.db_align_end 
_struct_ref_seq.pdbx_db_align_end_ins_code 
_struct_ref_seq.pdbx_auth_seq_align_beg 
_struct_ref_seq.pdbx_auth_seq_align_end 
1 1 1DXG A 1 ? 36 ? P00273 1 ? 36 ? 1 36 
2 1 1DXG B 1 ? 36 ? P00273 1 ? 36 ? 1 36 
# 
_pdbx_struct_assembly.id                   1 
_pdbx_struct_assembly.details              author_and_software_defined_assembly 
_pdbx_struct_assembly.method_details       PISA 
_pdbx_struct_assembly.oligomeric_details   dimeric 
_pdbx_struct_assembly.oligomeric_count     2 
# 
loop_
_pdbx_struct_assembly_prop.biol_id 
_pdbx_struct_assembly_prop.type 
_pdbx_struct_assembly_prop.value 
_pdbx_struct_assembly_prop.details 
1 'ABSA (A^2)' 1710 ? 
1 MORE         -36  ? 
1 'SSA (A^2)'  3930 ? 
# 
_pdbx_struct_assembly_gen.assembly_id       1 
_pdbx_struct_assembly_gen.oper_expression   1 
_pdbx_struct_assembly_gen.asym_id_list      A,B,C,D,E,F 
# 
_pdbx_struct_oper_list.id                   1 
_pdbx_struct_oper_list.type                 'identity operation' 
_pdbx_struct_oper_list.name                 1_555 
_pdbx_struct_oper_list.symmetry_operation   x,y,z 
_pdbx_struct_oper_list.matrix[1][1]         1.0000000000 
_pdbx_struct_oper_list.matrix[1][2]         0.0000000000 
_pdbx_struct_oper_list.matrix[1][3]         0.0000000000 
_pdbx_struct_oper_list.vector[1]            0.0000000000 
_pdbx_struct_oper_list.matrix[2][1]         0.0000000000 
_pdbx_struct_oper_list.matrix[2][2]         1.0000000000 
_pdbx_struct_oper_list.matrix[2][3]         0.0000000000 
_pdbx_struct_oper_list.vector[2]            0.0000000000 
_pdbx_struct_oper_list.matrix[3][1]         0.0000000000 
_pdbx_struct_oper_list.matrix[3][2]         0.0000000000 
_pdbx_struct_oper_list.matrix[3][3]         1.0000000000 
_pdbx_struct_oper_list.vector[3]            0.0000000000 
# 
_struct_biol.id   1 
# 
loop_
_struct_conn.id 
_struct_conn.conn_type_id 
_struct_conn.pdbx_leaving_atom_flag 
_struct_conn.pdbx_PDB_id 
_struct_conn.ptnr1_label_asym_id 
_struct_conn.ptnr1_label_comp_id 
_struct_conn.ptnr1_label_seq_id 
_struct_conn.ptnr1_label_atom_id 
_struct_conn.pdbx_ptnr1_label_alt_id 
_struct_conn.pdbx_ptnr1_PDB_ins_code 
_struct_conn.pdbx_ptnr1_standard_comp_id 
_struct_conn.ptnr1_symmetry 
_struct_conn.ptnr2_label_asym_id 
_struct_conn.ptnr2_label_comp_id 
_struct_conn.ptnr2_label_seq_id 
_struct_conn.ptnr2_label_atom_id 
_struct_conn.pdbx_ptnr2_label_alt_id 
_struct_conn.pdbx_ptnr2_PDB_ins_code 
_struct_conn.ptnr1_auth_asym_id 
_struct_conn.ptnr1_auth_comp_id 
_struct_conn.ptnr1_auth_seq_id 
_struct_conn.ptnr2_auth_asym_id 
_struct_conn.ptnr2_auth_comp_id 
_struct_conn.ptnr2_auth_seq_id 
_struct_conn.ptnr2_symmetry 
_struct_conn.pdbx_ptnr3_label_atom_id 
_struct_conn.pdbx_ptnr3_label_seq_id 
_struct_conn.pdbx_ptnr3_label_comp_id 
_struct_conn.pdbx_ptnr3_label_asym_id 
_struct_conn.pdbx_ptnr3_label_alt_id 
_struct_conn.pdbx_ptnr3_PDB_ins_code 
_struct_conn.details 
_struct_conn.pdbx_dist_value 
_struct_conn.pdbx_value_order 
_struct_conn.pdbx_role 
metalc1 metalc ? ? A CYS 9  SG ? ? ? 1_555 C FE . FE ? ? A CYS 9  A FE 37 1_555 ? ? ? ? ? ? ? 2.294 ? ? 
metalc2 metalc ? ? A CYS 12 SG ? ? ? 1_555 C FE . FE ? ? A CYS 12 A FE 37 1_555 ? ? ? ? ? ? ? 2.256 ? ? 
metalc3 metalc ? ? A CYS 28 SG ? ? ? 1_555 C FE . FE ? ? A CYS 28 A FE 37 1_555 ? ? ? ? ? ? ? 2.309 ? ? 
metalc4 metalc ? ? A CYS 29 SG ? ? ? 1_555 C FE . FE ? ? A CYS 29 A FE 37 1_555 ? ? ? ? ? ? ? 2.307 ? ? 
metalc5 metalc ? ? B CYS 9  SG ? ? ? 1_555 D FE . FE ? ? B CYS 9  B FE 37 1_555 ? ? ? ? ? ? ? 2.278 ? ? 
metalc6 metalc ? ? B CYS 12 SG ? ? ? 1_555 D FE . FE ? ? B CYS 12 B FE 37 1_555 ? ? ? ? ? ? ? 2.336 ? ? 
metalc7 metalc ? ? B CYS 28 SG ? ? ? 1_555 D FE . FE ? ? B CYS 28 B FE 37 1_555 ? ? ? ? ? ? ? 2.289 ? ? 
metalc8 metalc ? ? B CYS 29 SG ? ? ? 1_555 D FE . FE ? ? B CYS 29 B FE 37 1_555 ? ? ? ? ? ? ? 2.273 ? ? 
# 
_struct_conn_type.id          metalc 
_struct_conn_type.criteria    ? 
_struct_conn_type.reference   ? 
# 
loop_
_pdbx_struct_conn_angle.id 
_pdbx_struct_conn_angle.ptnr1_label_atom_id 
_pdbx_struct_conn_angle.ptnr1_label_alt_id 
_pdbx_struct_conn_angle.ptnr1_label_asym_id 
_pdbx_struct_conn_angle.ptnr1_label_comp_id 
_pdbx_struct_conn_angle.ptnr1_label_seq_id 
_pdbx_struct_conn_angle.ptnr1_auth_atom_id 
_pdbx_struct_conn_angle.ptnr1_auth_asym_id 
_pdbx_struct_conn_angle.ptnr1_auth_comp_id 
_pdbx_struct_conn_angle.ptnr1_auth_seq_id 
_pdbx_struct_conn_angle.ptnr1_PDB_ins_code 
_pdbx_struct_conn_angle.ptnr1_symmetry 
_pdbx_struct_conn_angle.ptnr2_label_atom_id 
_pdbx_struct_conn_angle.ptnr2_label_alt_id 
_pdbx_struct_conn_angle.ptnr2_label_asym_id 
_pdbx_struct_conn_angle.ptnr2_label_comp_id 
_pdbx_struct_conn_angle.ptnr2_label_seq_id 
_pdbx_struct_conn_angle.ptnr2_auth_atom_id 
_pdbx_struct_conn_angle.ptnr2_auth_asym_id 
_pdbx_struct_conn_angle.ptnr2_auth_comp_id 
_pdbx_struct_conn_angle.ptnr2_auth_seq_id 
_pdbx_struct_conn_angle.ptnr2_PDB_ins_code 
_pdbx_struct_conn_angle.ptnr2_symmetry 
_pdbx_struct_conn_angle.ptnr3_label_atom_id 
_pdbx_struct_conn_angle.ptnr3_label_alt_id 
_pdbx_struct_conn_angle.ptnr3_label_asym_id 
_pdbx_struct_conn_angle.ptnr3_label_comp_id 
_pdbx_struct_conn_angle.ptnr3_label_seq_id 
_pdbx_struct_conn_angle.ptnr3_auth_atom_id 
_pdbx_struct_conn_angle.ptnr3_auth_asym_id 
_pdbx_struct_conn_angle.ptnr3_auth_comp_id 
_pdbx_struct_conn_angle.ptnr3_auth_seq_id 
_pdbx_struct_conn_angle.ptnr3_PDB_ins_code 
_pdbx_struct_conn_angle.ptnr3_symmetry 
_pdbx_struct_conn_angle.value 
_pdbx_struct_conn_angle.value_esd 
1  SG ? A CYS 9  ? A CYS 9  ? 1_555 FE ? C FE . ? A FE 37 ? 1_555 SG ? A CYS 12 ? A CYS 12 ? 1_555 109.3 ? 
2  SG ? A CYS 9  ? A CYS 9  ? 1_555 FE ? C FE . ? A FE 37 ? 1_555 SG ? A CYS 28 ? A CYS 28 ? 1_555 108.5 ? 
3  SG ? A CYS 12 ? A CYS 12 ? 1_555 FE ? C FE . ? A FE 37 ? 1_555 SG ? A CYS 28 ? A CYS 28 ? 1_555 104.0 ? 
4  SG ? A CYS 9  ? A CYS 9  ? 1_555 FE ? C FE . ? A FE 37 ? 1_555 SG ? A CYS 29 ? A CYS 29 ? 1_555 110.1 ? 
5  SG ? A CYS 12 ? A CYS 12 ? 1_555 FE ? C FE . ? A FE 37 ? 1_555 SG ? A CYS 29 ? A CYS 29 ? 1_555 105.0 ? 
6  SG ? A CYS 28 ? A CYS 28 ? 1_555 FE ? C FE . ? A FE 37 ? 1_555 SG ? A CYS 29 ? A CYS 29 ? 1_555 119.4 ? 
7  SG ? B CYS 9  ? B CYS 9  ? 1_555 FE ? D FE . ? B FE 37 ? 1_555 SG ? B CYS 12 ? B CYS 12 ? 1_555 109.7 ? 
8  SG ? B CYS 9  ? B CYS 9  ? 1_555 FE ? D FE . ? B FE 37 ? 1_555 SG ? B CYS 28 ? B CYS 28 ? 1_555 106.7 ? 
9  SG ? B CYS 12 ? B CYS 12 ? 1_555 FE ? D FE . ? B FE 37 ? 1_555 SG ? B CYS 28 ? B CYS 28 ? 1_555 103.2 ? 
10 SG ? B CYS 9  ? B CYS 9  ? 1_555 FE ? D FE . ? B FE 37 ? 1_555 SG ? B CYS 29 ? B CYS 29 ? 1_555 109.9 ? 
11 SG ? B CYS 12 ? B CYS 12 ? 1_555 FE ? D FE . ? B FE 37 ? 1_555 SG ? B CYS 29 ? B CYS 29 ? 1_555 104.2 ? 
12 SG ? B CYS 28 ? B CYS 28 ? 1_555 FE ? D FE . ? B FE 37 ? 1_555 SG ? B CYS 29 ? B CYS 29 ? 1_555 122.6 ? 
# 
loop_
_struct_sheet.id 
_struct_sheet.type 
_struct_sheet.number_strands 
_struct_sheet.details 
A ? 2 ? 
B ? 2 ? 
# 
loop_
_struct_sheet_order.sheet_id 
_struct_sheet_order.range_id_1 
_struct_sheet_order.range_id_2 
_struct_sheet_order.offset 
_struct_sheet_order.sense 
A 1 2 ? anti-parallel 
B 1 2 ? anti-parallel 
# 
loop_
_struct_sheet_range.sheet_id 
_struct_sheet_range.id 
_struct_sheet_range.beg_label_comp_id 
_struct_sheet_range.beg_label_asym_id 
_struct_sheet_range.beg_label_seq_id 
_struct_sheet_range.pdbx_beg_PDB_ins_code 
_struct_sheet_range.end_label_comp_id 
_struct_sheet_range.end_label_asym_id 
_struct_sheet_range.end_label_seq_id 
_struct_sheet_range.pdbx_end_PDB_ins_code 
_struct_sheet_range.beg_auth_comp_id 
_struct_sheet_range.beg_auth_asym_id 
_struct_sheet_range.beg_auth_seq_id 
_struct_sheet_range.end_auth_comp_id 
_struct_sheet_range.end_auth_asym_id 
_struct_sheet_range.end_auth_seq_id 
A 1 VAL A 6  ? LYS A 8  ? VAL A 6  LYS A 8  
A 2 VAL A 15 ? LYS A 17 ? VAL A 15 LYS A 17 
B 1 VAL B 6  ? LYS B 8  ? VAL B 6  LYS B 8  
B 2 VAL B 15 ? LYS B 17 ? VAL B 15 LYS B 17 
# 
loop_
_pdbx_struct_sheet_hbond.sheet_id 
_pdbx_struct_sheet_hbond.range_id_1 
_pdbx_struct_sheet_hbond.range_id_2 
_pdbx_struct_sheet_hbond.range_1_label_atom_id 
_pdbx_struct_sheet_hbond.range_1_label_comp_id 
_pdbx_struct_sheet_hbond.range_1_label_asym_id 
_pdbx_struct_sheet_hbond.range_1_label_seq_id 
_pdbx_struct_sheet_hbond.range_1_PDB_ins_code 
_pdbx_struct_sheet_hbond.range_1_auth_atom_id 
_pdbx_struct_sheet_hbond.range_1_auth_comp_id 
_pdbx_struct_sheet_hbond.range_1_auth_asym_id 
_pdbx_struct_sheet_hbond.range_1_auth_seq_id 
_pdbx_struct_sheet_hbond.range_2_label_atom_id 
_pdbx_struct_sheet_hbond.range_2_label_comp_id 
_pdbx_struct_sheet_hbond.range_2_label_asym_id 
_pdbx_struct_sheet_hbond.range_2_label_seq_id 
_pdbx_struct_sheet_hbond.range_2_PDB_ins_code 
_pdbx_struct_sheet_hbond.range_2_auth_atom_id 
_pdbx_struct_sheet_hbond.range_2_auth_comp_id 
_pdbx_struct_sheet_hbond.range_2_auth_asym_id 
_pdbx_struct_sheet_hbond.range_2_auth_seq_id 
A 1 2 O TYR A 7 ? O TYR A 7 N VAL A 16 ? N VAL A 16 
B 1 2 O TYR B 7 ? O TYR B 7 N VAL B 16 ? N VAL B 16 
# 
loop_
_struct_site.id 
_struct_site.pdbx_evidence_code 
_struct_site.pdbx_auth_asym_id 
_struct_site.pdbx_auth_comp_id 
_struct_site.pdbx_auth_seq_id 
_struct_site.pdbx_auth_ins_code 
_struct_site.pdbx_num_residues 
_struct_site.details 
AC1 Software A FE 37 ? 4 'BINDING SITE FOR RESIDUE FE A 37' 
AC2 Software B FE 37 ? 4 'BINDING SITE FOR RESIDUE FE B 37' 
# 
loop_
_struct_site_gen.id 
_struct_site_gen.site_id 
_struct_site_gen.pdbx_num_res 
_struct_site_gen.label_comp_id 
_struct_site_gen.label_asym_id 
_struct_site_gen.label_seq_id 
_struct_site_gen.pdbx_auth_ins_code 
_struct_site_gen.auth_comp_id 
_struct_site_gen.auth_asym_id 
_struct_site_gen.auth_seq_id 
_struct_site_gen.label_atom_id 
_struct_site_gen.label_alt_id 
_struct_site_gen.symmetry 
_struct_site_gen.details 
1 AC1 4 CYS A 9  ? CYS A 9  . ? 1_555 ? 
2 AC1 4 CYS A 12 ? CYS A 12 . ? 1_555 ? 
3 AC1 4 CYS A 28 ? CYS A 28 . ? 1_555 ? 
4 AC1 4 CYS A 29 ? CYS A 29 . ? 1_555 ? 
5 AC2 4 CYS B 9  ? CYS B 9  . ? 1_555 ? 
6 AC2 4 CYS B 12 ? CYS B 12 . ? 1_555 ? 
7 AC2 4 CYS B 28 ? CYS B 28 . ? 1_555 ? 
8 AC2 4 CYS B 29 ? CYS B 29 . ? 1_555 ? 
# 
loop_
_chem_comp_atom.comp_id 
_chem_comp_atom.atom_id 
_chem_comp_atom.type_symbol 
_chem_comp_atom.pdbx_aromatic_flag 
_chem_comp_atom.pdbx_stereo_config 
_chem_comp_atom.pdbx_ordinal 
ALA N    N  N N 1   
ALA CA   C  N S 2   
ALA C    C  N N 3   
ALA O    O  N N 4   
ALA CB   C  N N 5   
ALA OXT  O  N N 6   
ALA H    H  N N 7   
ALA H2   H  N N 8   
ALA HA   H  N N 9   
ALA HB1  H  N N 10  
ALA HB2  H  N N 11  
ALA HB3  H  N N 12  
ALA HXT  H  N N 13  
ASN N    N  N N 14  
ASN CA   C  N S 15  
ASN C    C  N N 16  
ASN O    O  N N 17  
ASN CB   C  N N 18  
ASN CG   C  N N 19  
ASN OD1  O  N N 20  
ASN ND2  N  N N 21  
ASN OXT  O  N N 22  
ASN H    H  N N 23  
ASN H2   H  N N 24  
ASN HA   H  N N 25  
ASN HB2  H  N N 26  
ASN HB3  H  N N 27  
ASN HD21 H  N N 28  
ASN HD22 H  N N 29  
ASN HXT  H  N N 30  
ASP N    N  N N 31  
ASP CA   C  N S 32  
ASP C    C  N N 33  
ASP O    O  N N 34  
ASP CB   C  N N 35  
ASP CG   C  N N 36  
ASP OD1  O  N N 37  
ASP OD2  O  N N 38  
ASP OXT  O  N N 39  
ASP H    H  N N 40  
ASP H2   H  N N 41  
ASP HA   H  N N 42  
ASP HB2  H  N N 43  
ASP HB3  H  N N 44  
ASP HD2  H  N N 45  
ASP HXT  H  N N 46  
CYS N    N  N N 47  
CYS CA   C  N R 48  
CYS C    C  N N 49  
CYS O    O  N N 50  
CYS CB   C  N N 51  
CYS SG   S  N N 52  
CYS OXT  O  N N 53  
CYS H    H  N N 54  
CYS H2   H  N N 55  
CYS HA   H  N N 56  
CYS HB2  H  N N 57  
CYS HB3  H  N N 58  
CYS HG   H  N N 59  
CYS HXT  H  N N 60  
FE  FE   FE N N 61  
GLN N    N  N N 62  
GLN CA   C  N S 63  
GLN C    C  N N 64  
GLN O    O  N N 65  
GLN CB   C  N N 66  
GLN CG   C  N N 67  
GLN CD   C  N N 68  
GLN OE1  O  N N 69  
GLN NE2  N  N N 70  
GLN OXT  O  N N 71  
GLN H    H  N N 72  
GLN H2   H  N N 73  
GLN HA   H  N N 74  
GLN HB2  H  N N 75  
GLN HB3  H  N N 76  
GLN HG2  H  N N 77  
GLN HG3  H  N N 78  
GLN HE21 H  N N 79  
GLN HE22 H  N N 80  
GLN HXT  H  N N 81  
GLU N    N  N N 82  
GLU CA   C  N S 83  
GLU C    C  N N 84  
GLU O    O  N N 85  
GLU CB   C  N N 86  
GLU CG   C  N N 87  
GLU CD   C  N N 88  
GLU OE1  O  N N 89  
GLU OE2  O  N N 90  
GLU OXT  O  N N 91  
GLU H    H  N N 92  
GLU H2   H  N N 93  
GLU HA   H  N N 94  
GLU HB2  H  N N 95  
GLU HB3  H  N N 96  
GLU HG2  H  N N 97  
GLU HG3  H  N N 98  
GLU HE2  H  N N 99  
GLU HXT  H  N N 100 
GLY N    N  N N 101 
GLY CA   C  N N 102 
GLY C    C  N N 103 
GLY O    O  N N 104 
GLY OXT  O  N N 105 
GLY H    H  N N 106 
GLY H2   H  N N 107 
GLY HA2  H  N N 108 
GLY HA3  H  N N 109 
GLY HXT  H  N N 110 
HOH O    O  N N 111 
HOH H1   H  N N 112 
HOH H2   H  N N 113 
LEU N    N  N N 114 
LEU CA   C  N S 115 
LEU C    C  N N 116 
LEU O    O  N N 117 
LEU CB   C  N N 118 
LEU CG   C  N N 119 
LEU CD1  C  N N 120 
LEU CD2  C  N N 121 
LEU OXT  O  N N 122 
LEU H    H  N N 123 
LEU H2   H  N N 124 
LEU HA   H  N N 125 
LEU HB2  H  N N 126 
LEU HB3  H  N N 127 
LEU HG   H  N N 128 
LEU HD11 H  N N 129 
LEU HD12 H  N N 130 
LEU HD13 H  N N 131 
LEU HD21 H  N N 132 
LEU HD22 H  N N 133 
LEU HD23 H  N N 134 
LEU HXT  H  N N 135 
LYS N    N  N N 136 
LYS CA   C  N S 137 
LYS C    C  N N 138 
LYS O    O  N N 139 
LYS CB   C  N N 140 
LYS CG   C  N N 141 
LYS CD   C  N N 142 
LYS CE   C  N N 143 
LYS NZ   N  N N 144 
LYS OXT  O  N N 145 
LYS H    H  N N 146 
LYS H2   H  N N 147 
LYS HA   H  N N 148 
LYS HB2  H  N N 149 
LYS HB3  H  N N 150 
LYS HG2  H  N N 151 
LYS HG3  H  N N 152 
LYS HD2  H  N N 153 
LYS HD3  H  N N 154 
LYS HE2  H  N N 155 
LYS HE3  H  N N 156 
LYS HZ1  H  N N 157 
LYS HZ2  H  N N 158 
LYS HZ3  H  N N 159 
LYS HXT  H  N N 160 
MET N    N  N N 161 
MET CA   C  N S 162 
MET C    C  N N 163 
MET O    O  N N 164 
MET CB   C  N N 165 
MET CG   C  N N 166 
MET SD   S  N N 167 
MET CE   C  N N 168 
MET OXT  O  N N 169 
MET H    H  N N 170 
MET H2   H  N N 171 
MET HA   H  N N 172 
MET HB2  H  N N 173 
MET HB3  H  N N 174 
MET HG2  H  N N 175 
MET HG3  H  N N 176 
MET HE1  H  N N 177 
MET HE2  H  N N 178 
MET HE3  H  N N 179 
MET HXT  H  N N 180 
THR N    N  N N 181 
THR CA   C  N S 182 
THR C    C  N N 183 
THR O    O  N N 184 
THR CB   C  N R 185 
THR OG1  O  N N 186 
THR CG2  C  N N 187 
THR OXT  O  N N 188 
THR H    H  N N 189 
THR H2   H  N N 190 
THR HA   H  N N 191 
THR HB   H  N N 192 
THR HG1  H  N N 193 
THR HG21 H  N N 194 
THR HG22 H  N N 195 
THR HG23 H  N N 196 
THR HXT  H  N N 197 
TYR N    N  N N 198 
TYR CA   C  N S 199 
TYR C    C  N N 200 
TYR O    O  N N 201 
TYR CB   C  N N 202 
TYR CG   C  Y N 203 
TYR CD1  C  Y N 204 
TYR CD2  C  Y N 205 
TYR CE1  C  Y N 206 
TYR CE2  C  Y N 207 
TYR CZ   C  Y N 208 
TYR OH   O  N N 209 
TYR OXT  O  N N 210 
TYR H    H  N N 211 
TYR H2   H  N N 212 
TYR HA   H  N N 213 
TYR HB2  H  N N 214 
TYR HB3  H  N N 215 
TYR HD1  H  N N 216 
TYR HD2  H  N N 217 
TYR HE1  H  N N 218 
TYR HE2  H  N N 219 
TYR HH   H  N N 220 
TYR HXT  H  N N 221 
VAL N    N  N N 222 
VAL CA   C  N S 223 
VAL C    C  N N 224 
VAL O    O  N N 225 
VAL CB   C  N N 226 
VAL CG1  C  N N 227 
VAL CG2  C  N N 228 
VAL OXT  O  N N 229 
VAL H    H  N N 230 
VAL H2   H  N N 231 
VAL HA   H  N N 232 
VAL HB   H  N N 233 
VAL HG11 H  N N 234 
VAL HG12 H  N N 235 
VAL HG13 H  N N 236 
VAL HG21 H  N N 237 
VAL HG22 H  N N 238 
VAL HG23 H  N N 239 
VAL HXT  H  N N 240 
# 
loop_
_chem_comp_bond.comp_id 
_chem_comp_bond.atom_id_1 
_chem_comp_bond.atom_id_2 
_chem_comp_bond.value_order 
_chem_comp_bond.pdbx_aromatic_flag 
_chem_comp_bond.pdbx_stereo_config 
_chem_comp_bond.pdbx_ordinal 
ALA N   CA   sing N N 1   
ALA N   H    sing N N 2   
ALA N   H2   sing N N 3   
ALA CA  C    sing N N 4   
ALA CA  CB   sing N N 5   
ALA CA  HA   sing N N 6   
ALA C   O    doub N N 7   
ALA C   OXT  sing N N 8   
ALA CB  HB1  sing N N 9   
ALA CB  HB2  sing N N 10  
ALA CB  HB3  sing N N 11  
ALA OXT HXT  sing N N 12  
ASN N   CA   sing N N 13  
ASN N   H    sing N N 14  
ASN N   H2   sing N N 15  
ASN CA  C    sing N N 16  
ASN CA  CB   sing N N 17  
ASN CA  HA   sing N N 18  
ASN C   O    doub N N 19  
ASN C   OXT  sing N N 20  
ASN CB  CG   sing N N 21  
ASN CB  HB2  sing N N 22  
ASN CB  HB3  sing N N 23  
ASN CG  OD1  doub N N 24  
ASN CG  ND2  sing N N 25  
ASN ND2 HD21 sing N N 26  
ASN ND2 HD22 sing N N 27  
ASN OXT HXT  sing N N 28  
ASP N   CA   sing N N 29  
ASP N   H    sing N N 30  
ASP N   H2   sing N N 31  
ASP CA  C    sing N N 32  
ASP CA  CB   sing N N 33  
ASP CA  HA   sing N N 34  
ASP C   O    doub N N 35  
ASP C   OXT  sing N N 36  
ASP CB  CG   sing N N 37  
ASP CB  HB2  sing N N 38  
ASP CB  HB3  sing N N 39  
ASP CG  OD1  doub N N 40  
ASP CG  OD2  sing N N 41  
ASP OD2 HD2  sing N N 42  
ASP OXT HXT  sing N N 43  
CYS N   CA   sing N N 44  
CYS N   H    sing N N 45  
CYS N   H2   sing N N 46  
CYS CA  C    sing N N 47  
CYS CA  CB   sing N N 48  
CYS CA  HA   sing N N 49  
CYS C   O    doub N N 50  
CYS C   OXT  sing N N 51  
CYS CB  SG   sing N N 52  
CYS CB  HB2  sing N N 53  
CYS CB  HB3  sing N N 54  
CYS SG  HG   sing N N 55  
CYS OXT HXT  sing N N 56  
GLN N   CA   sing N N 57  
GLN N   H    sing N N 58  
GLN N   H2   sing N N 59  
GLN CA  C    sing N N 60  
GLN CA  CB   sing N N 61  
GLN CA  HA   sing N N 62  
GLN C   O    doub N N 63  
GLN C   OXT  sing N N 64  
GLN CB  CG   sing N N 65  
GLN CB  HB2  sing N N 66  
GLN CB  HB3  sing N N 67  
GLN CG  CD   sing N N 68  
GLN CG  HG2  sing N N 69  
GLN CG  HG3  sing N N 70  
GLN CD  OE1  doub N N 71  
GLN CD  NE2  sing N N 72  
GLN NE2 HE21 sing N N 73  
GLN NE2 HE22 sing N N 74  
GLN OXT HXT  sing N N 75  
GLU N   CA   sing N N 76  
GLU N   H    sing N N 77  
GLU N   H2   sing N N 78  
GLU CA  C    sing N N 79  
GLU CA  CB   sing N N 80  
GLU CA  HA   sing N N 81  
GLU C   O    doub N N 82  
GLU C   OXT  sing N N 83  
GLU CB  CG   sing N N 84  
GLU CB  HB2  sing N N 85  
GLU CB  HB3  sing N N 86  
GLU CG  CD   sing N N 87  
GLU CG  HG2  sing N N 88  
GLU CG  HG3  sing N N 89  
GLU CD  OE1  doub N N 90  
GLU CD  OE2  sing N N 91  
GLU OE2 HE2  sing N N 92  
GLU OXT HXT  sing N N 93  
GLY N   CA   sing N N 94  
GLY N   H    sing N N 95  
GLY N   H2   sing N N 96  
GLY CA  C    sing N N 97  
GLY CA  HA2  sing N N 98  
GLY CA  HA3  sing N N 99  
GLY C   O    doub N N 100 
GLY C   OXT  sing N N 101 
GLY OXT HXT  sing N N 102 
HOH O   H1   sing N N 103 
HOH O   H2   sing N N 104 
LEU N   CA   sing N N 105 
LEU N   H    sing N N 106 
LEU N   H2   sing N N 107 
LEU CA  C    sing N N 108 
LEU CA  CB   sing N N 109 
LEU CA  HA   sing N N 110 
LEU C   O    doub N N 111 
LEU C   OXT  sing N N 112 
LEU CB  CG   sing N N 113 
LEU CB  HB2  sing N N 114 
LEU CB  HB3  sing N N 115 
LEU CG  CD1  sing N N 116 
LEU CG  CD2  sing N N 117 
LEU CG  HG   sing N N 118 
LEU CD1 HD11 sing N N 119 
LEU CD1 HD12 sing N N 120 
LEU CD1 HD13 sing N N 121 
LEU CD2 HD21 sing N N 122 
LEU CD2 HD22 sing N N 123 
LEU CD2 HD23 sing N N 124 
LEU OXT HXT  sing N N 125 
LYS N   CA   sing N N 126 
LYS N   H    sing N N 127 
LYS N   H2   sing N N 128 
LYS CA  C    sing N N 129 
LYS CA  CB   sing N N 130 
LYS CA  HA   sing N N 131 
LYS C   O    doub N N 132 
LYS C   OXT  sing N N 133 
LYS CB  CG   sing N N 134 
LYS CB  HB2  sing N N 135 
LYS CB  HB3  sing N N 136 
LYS CG  CD   sing N N 137 
LYS CG  HG2  sing N N 138 
LYS CG  HG3  sing N N 139 
LYS CD  CE   sing N N 140 
LYS CD  HD2  sing N N 141 
LYS CD  HD3  sing N N 142 
LYS CE  NZ   sing N N 143 
LYS CE  HE2  sing N N 144 
LYS CE  HE3  sing N N 145 
LYS NZ  HZ1  sing N N 146 
LYS NZ  HZ2  sing N N 147 
LYS NZ  HZ3  sing N N 148 
LYS OXT HXT  sing N N 149 
MET N   CA   sing N N 150 
MET N   H    sing N N 151 
MET N   H2   sing N N 152 
MET CA  C    sing N N 153 
MET CA  CB   sing N N 154 
MET CA  HA   sing N N 155 
MET C   O    doub N N 156 
MET C   OXT  sing N N 157 
MET CB  CG   sing N N 158 
MET CB  HB2  sing N N 159 
MET CB  HB3  sing N N 160 
MET CG  SD   sing N N 161 
MET CG  HG2  sing N N 162 
MET CG  HG3  sing N N 163 
MET SD  CE   sing N N 164 
MET CE  HE1  sing N N 165 
MET CE  HE2  sing N N 166 
MET CE  HE3  sing N N 167 
MET OXT HXT  sing N N 168 
THR N   CA   sing N N 169 
THR N   H    sing N N 170 
THR N   H2   sing N N 171 
THR CA  C    sing N N 172 
THR CA  CB   sing N N 173 
THR CA  HA   sing N N 174 
THR C   O    doub N N 175 
THR C   OXT  sing N N 176 
THR CB  OG1  sing N N 177 
THR CB  CG2  sing N N 178 
THR CB  HB   sing N N 179 
THR OG1 HG1  sing N N 180 
THR CG2 HG21 sing N N 181 
THR CG2 HG22 sing N N 182 
THR CG2 HG23 sing N N 183 
THR OXT HXT  sing N N 184 
TYR N   CA   sing N N 185 
TYR N   H    sing N N 186 
TYR N   H2   sing N N 187 
TYR CA  C    sing N N 188 
TYR CA  CB   sing N N 189 
TYR CA  HA   sing N N 190 
TYR C   O    doub N N 191 
TYR C   OXT  sing N N 192 
TYR CB  CG   sing N N 193 
TYR CB  HB2  sing N N 194 
TYR CB  HB3  sing N N 195 
TYR CG  CD1  doub Y N 196 
TYR CG  CD2  sing Y N 197 
TYR CD1 CE1  sing Y N 198 
TYR CD1 HD1  sing N N 199 
TYR CD2 CE2  doub Y N 200 
TYR CD2 HD2  sing N N 201 
TYR CE1 CZ   doub Y N 202 
TYR CE1 HE1  sing N N 203 
TYR CE2 CZ   sing Y N 204 
TYR CE2 HE2  sing N N 205 
TYR CZ  OH   sing N N 206 
TYR OH  HH   sing N N 207 
TYR OXT HXT  sing N N 208 
VAL N   CA   sing N N 209 
VAL N   H    sing N N 210 
VAL N   H2   sing N N 211 
VAL CA  C    sing N N 212 
VAL CA  CB   sing N N 213 
VAL CA  HA   sing N N 214 
VAL C   O    doub N N 215 
VAL C   OXT  sing N N 216 
VAL CB  CG1  sing N N 217 
VAL CB  CG2  sing N N 218 
VAL CB  HB   sing N N 219 
VAL CG1 HG11 sing N N 220 
VAL CG1 HG12 sing N N 221 
VAL CG1 HG13 sing N N 222 
VAL CG2 HG21 sing N N 223 
VAL CG2 HG22 sing N N 224 
VAL CG2 HG23 sing N N 225 
VAL OXT HXT  sing N N 226 
# 
_atom_sites.entry_id                    1DXG 
_atom_sites.fract_transf_matrix[1][1]   -0.01043875 
_atom_sites.fract_transf_matrix[1][2]   -0.00886110 
_atom_sites.fract_transf_matrix[1][3]   0.02370536 
_atom_sites.fract_transf_matrix[2][1]   0.00601743 
_atom_sites.fract_transf_matrix[2][2]   -0.02512008 
_atom_sites.fract_transf_matrix[2][3]   0.00906739 
_atom_sites.fract_transf_matrix[3][1]   0.01099032 
_atom_sites.fract_transf_matrix[3][2]   0.00506272 
_atom_sites.fract_transf_matrix[3][3]   0.00673209 
_atom_sites.fract_transf_vector[1]      0.271996 
_atom_sites.fract_transf_vector[2]      0.650333 
_atom_sites.fract_transf_vector[3]      0.200087 
# 
loop_
_atom_type.symbol 
C  
FE 
N  
O  
S  
# 
loop_
_atom_site.group_PDB 
_atom_site.id 
_atom_site.type_symbol 
_atom_site.label_atom_id 
_atom_site.label_alt_id 
_atom_site.label_comp_id 
_atom_site.label_asym_id 
_atom_site.label_entity_id 
_atom_site.label_seq_id 
_atom_site.pdbx_PDB_ins_code 
_atom_site.Cartn_x 
_atom_site.Cartn_y 
_atom_site.Cartn_z 
_atom_site.occupancy 
_atom_site.B_iso_or_equiv 
_atom_site.pdbx_formal_charge 
_atom_site.auth_seq_id 
_atom_site.auth_comp_id 
_atom_site.auth_asym_id 
_atom_site.auth_atom_id 
_atom_site.pdbx_PDB_model_num 
ATOM   1   N  N   . ALA A 1 1  ? -0.149  -5.790  7.430   1.00 24.22 ? 1   ALA A N   1 
ATOM   2   C  CA  . ALA A 1 1  ? -0.531  -4.859  8.481   1.00 24.01 ? 1   ALA A CA  1 
ATOM   3   C  C   . ALA A 1 1  ? -1.968  -5.133  8.890   1.00 24.01 ? 1   ALA A C   1 
ATOM   4   O  O   . ALA A 1 1  ? -2.565  -6.037  8.307   1.00 24.23 ? 1   ALA A O   1 
ATOM   5   C  CB  . ALA A 1 1  ? -0.474  -3.448  7.988   1.00 23.96 ? 1   ALA A CB  1 
ATOM   6   N  N   . ASN A 1 2  ? -2.546  -4.394  9.855   1.00 23.74 ? 2   ASN A N   1 
ATOM   7   C  CA  . ASN A 1 2  ? -3.919  -4.665  10.319  1.00 23.05 ? 2   ASN A CA  1 
ATOM   8   C  C   . ASN A 1 2  ? -4.929  -3.722  9.688   1.00 22.09 ? 2   ASN A C   1 
ATOM   9   O  O   . ASN A 1 2  ? -4.637  -2.560  9.371   1.00 21.95 ? 2   ASN A O   1 
ATOM   10  C  CB  . ASN A 1 2  ? -4.104  -4.486  11.814  0.00 23.47 ? 2   ASN A CB  1 
ATOM   11  C  CG  . ASN A 1 2  ? -3.166  -5.300  12.669  0.50 23.78 ? 2   ASN A CG  1 
ATOM   12  O  OD1 . ASN A 1 2  ? -2.424  -4.707  13.440  0.50 24.15 ? 2   ASN A OD1 1 
ATOM   13  N  ND2 . ASN A 1 2  ? -3.115  -6.618  12.618  0.00 23.90 ? 2   ASN A ND2 1 
ATOM   14  N  N   . GLU A 1 3  ? -6.145  -4.247  9.583   1.00 20.97 ? 3   GLU A N   1 
ATOM   15  C  CA  . GLU A 1 3  ? -7.284  -3.551  9.002   1.00 19.91 ? 3   GLU A CA  1 
ATOM   16  C  C   . GLU A 1 3  ? -7.433  -2.187  9.669   1.00 18.91 ? 3   GLU A C   1 
ATOM   17  O  O   . GLU A 1 3  ? -7.334  -2.103  10.897  1.00 19.03 ? 3   GLU A O   1 
ATOM   18  C  CB  . GLU A 1 3  ? -8.525  -4.409  9.218   0.50 19.88 ? 3   GLU A CB  1 
ATOM   19  C  CG  . GLU A 1 3  ? -9.789  -3.952  8.540   0.00 20.03 ? 3   GLU A CG  1 
ATOM   20  C  CD  . GLU A 1 3  ? -10.941 -4.910  8.770   0.00 20.10 ? 3   GLU A CD  1 
ATOM   21  O  OE1 . GLU A 1 3  ? -11.106 -5.836  7.977   0.00 20.15 ? 3   GLU A OE1 1 
ATOM   22  O  OE2 . GLU A 1 3  ? -11.665 -4.734  9.748   0.00 20.12 ? 3   GLU A OE2 1 
ATOM   23  N  N   . GLY A 1 4  ? -7.583  -1.100  8.926   1.00 17.20 ? 4   GLY A N   1 
ATOM   24  C  CA  . GLY A 1 4  ? -7.736  0.217   9.497   1.00 15.79 ? 4   GLY A CA  1 
ATOM   25  C  C   . GLY A 1 4  ? -6.424  0.953   9.653   1.00 14.79 ? 4   GLY A C   1 
ATOM   26  O  O   . GLY A 1 4  ? -6.475  2.174   9.837   1.00 14.85 ? 4   GLY A O   1 
ATOM   27  N  N   . ASP A 1 5  ? -5.251  0.312   9.598   1.00 13.77 ? 5   ASP A N   1 
ATOM   28  C  CA  . ASP A 1 5  ? -3.984  1.033   9.714   1.00 13.20 ? 5   ASP A CA  1 
ATOM   29  C  C   . ASP A 1 5  ? -3.733  1.911   8.495   1.00 12.29 ? 5   ASP A C   1 
ATOM   30  O  O   . ASP A 1 5  ? -4.168  1.586   7.387   1.00 11.89 ? 5   ASP A O   1 
ATOM   31  C  CB  . ASP A 1 5  ? -2.808  0.084   9.831   1.00 13.79 ? 5   ASP A CB  1 
ATOM   32  C  CG  . ASP A 1 5  ? -2.684  -0.605  11.170  1.00 14.59 ? 5   ASP A CG  1 
ATOM   33  O  OD1 . ASP A 1 5  ? -3.237  -0.123  12.163  1.00 14.75 ? 5   ASP A OD1 1 
ATOM   34  O  OD2 . ASP A 1 5  ? -2.018  -1.641  11.201  1.00 15.34 ? 5   ASP A OD2 1 
ATOM   35  N  N   . VAL A 1 6  ? -2.991  2.990   8.668   1.00 11.57 ? 6   VAL A N   1 
ATOM   36  C  CA  . VAL A 1 6  ? -2.674  3.913   7.601   1.00 10.94 ? 6   VAL A CA  1 
ATOM   37  C  C   . VAL A 1 6  ? -1.161  3.851   7.464   1.00 10.82 ? 6   VAL A C   1 
ATOM   38  O  O   . VAL A 1 6  ? -0.446  3.896   8.470   1.00 10.59 ? 6   VAL A O   1 
ATOM   39  C  CB  . VAL A 1 6  ? -3.165  5.328   7.998   1.00 11.07 ? 6   VAL A CB  1 
ATOM   40  C  CG1 . VAL A 1 6  ? -2.662  6.368   7.000   1.00 10.86 ? 6   VAL A CG1 1 
ATOM   41  C  CG2 . VAL A 1 6  ? -4.693  5.345   8.013   1.00 10.90 ? 6   VAL A CG2 1 
ATOM   42  N  N   . TYR A 1 7  ? -0.642  3.754   6.247   1.00 10.51 ? 7   TYR A N   1 
ATOM   43  C  CA  . TYR A 1 7  ? 0.783   3.687   5.995   1.00 10.48 ? 7   TYR A CA  1 
ATOM   44  C  C   . TYR A 1 7  ? 1.173   4.790   5.030   1.00 10.26 ? 7   TYR A C   1 
ATOM   45  O  O   . TYR A 1 7  ? 0.443   5.090   4.077   1.00 9.98  ? 7   TYR A O   1 
ATOM   46  C  CB  . TYR A 1 7  ? 1.147   2.350   5.398   1.00 10.96 ? 7   TYR A CB  1 
ATOM   47  C  CG  . TYR A 1 7  ? 1.336   1.281   6.458   1.00 11.96 ? 7   TYR A CG  1 
ATOM   48  C  CD1 . TYR A 1 7  ? 0.228   0.631   7.044   1.00 12.38 ? 7   TYR A CD1 1 
ATOM   49  C  CD2 . TYR A 1 7  ? 2.642   0.969   6.850   1.00 12.45 ? 7   TYR A CD2 1 
ATOM   50  C  CE1 . TYR A 1 7  ? 0.449   -0.317  8.040   1.00 12.70 ? 7   TYR A CE1 1 
ATOM   51  C  CE2 . TYR A 1 7  ? 2.844   0.015   7.843   1.00 12.94 ? 7   TYR A CE2 1 
ATOM   52  C  CZ  . TYR A 1 7  ? 1.755   -0.610  8.430   1.00 13.14 ? 7   TYR A CZ  1 
ATOM   53  O  OH  . TYR A 1 7  ? 2.003   -1.561  9.394   1.00 14.30 ? 7   TYR A OH  1 
ATOM   54  N  N   . LYS A 1 8  ? 2.333   5.401   5.265   1.00 10.04 ? 8   LYS A N   1 
ATOM   55  C  CA  . LYS A 1 8  ? 2.827   6.506   4.455   1.00 10.03 ? 8   LYS A CA  1 
ATOM   56  C  C   . LYS A 1 8  ? 4.156   6.174   3.814   1.00 9.56  ? 8   LYS A C   1 
ATOM   57  O  O   . LYS A 1 8  ? 4.994   5.543   4.460   1.00 9.50  ? 8   LYS A O   1 
ATOM   58  C  CB  . LYS A 1 8  ? 3.039   7.733   5.312   1.00 10.94 ? 8   LYS A CB  1 
ATOM   59  C  CG  . LYS A 1 8  ? 3.479   8.999   4.569   1.00 12.32 ? 8   LYS A CG  1 
ATOM   60  C  CD  . LYS A 1 8  ? 3.854   10.004  5.621   1.00 13.57 ? 8   LYS A CD  1 
ATOM   61  C  CE  . LYS A 1 8  ? 4.172   11.328  4.956   1.00 14.63 ? 8   LYS A CE  1 
ATOM   62  N  NZ  . LYS A 1 8  ? 4.755   12.225  5.951   1.00 15.69 ? 8   LYS A NZ  1 
ATOM   63  N  N   . CYS A 1 9  ? 4.379   6.530   2.562   1.00 9.24  ? 9   CYS A N   1 
ATOM   64  C  CA  . CYS A 1 9  ? 5.700   6.421   1.953   1.00 9.45  ? 9   CYS A CA  1 
ATOM   65  C  C   . CYS A 1 9  ? 6.431   7.736   2.251   1.00 9.71  ? 9   CYS A C   1 
ATOM   66  O  O   . CYS A 1 9  ? 6.011   8.809   1.793   1.00 9.56  ? 9   CYS A O   1 
ATOM   67  C  CB  . CYS A 1 9  ? 5.629   6.264   0.437   1.00 9.39  ? 9   CYS A CB  1 
ATOM   68  S  SG  . CYS A 1 9  ? 7.259   6.361   -0.344  1.00 9.31  ? 9   CYS A SG  1 
ATOM   69  N  N   . GLU A 1 10 ? 7.542   7.711   2.971   1.00 10.12 ? 10  GLU A N   1 
ATOM   70  C  CA  . GLU A 1 10 ? 8.257   8.932   3.310   1.00 11.17 ? 10  GLU A CA  1 
ATOM   71  C  C   . GLU A 1 10 ? 8.883   9.646   2.114   1.00 10.98 ? 10  GLU A C   1 
ATOM   72  O  O   . GLU A 1 10 ? 9.124   10.855  2.161   1.00 11.60 ? 10  GLU A O   1 
ATOM   73  C  CB  . GLU A 1 10 ? 9.355   8.626   4.331   1.00 12.05 ? 10  GLU A CB  1 
ATOM   74  C  CG  . GLU A 1 10 ? 8.873   8.073   5.677   1.00 13.45 ? 10  GLU A CG  1 
ATOM   75  C  CD  . GLU A 1 10 ? 7.948   8.951   6.537   1.00 14.64 ? 10  GLU A CD  1 
ATOM   76  O  OE1 . GLU A 1 10 ? 7.790   10.142  6.283   1.00 15.40 ? 10  GLU A OE1 1 
ATOM   77  O  OE2 . GLU A 1 10 ? 7.373   8.441   7.495   1.00 15.39 ? 10  GLU A OE2 1 
ATOM   78  N  N   . LEU A 1 11 ? 9.200   8.932   1.034   1.00 10.02 ? 11  LEU A N   1 
ATOM   79  C  CA  . LEU A 1 11 ? 9.848   9.549   -0.106  1.00 9.72  ? 11  LEU A CA  1 
ATOM   80  C  C   . LEU A 1 11 ? 8.917   10.238  -1.081  1.00 9.51  ? 11  LEU A C   1 
ATOM   81  O  O   . LEU A 1 11 ? 9.170   11.388  -1.423  1.00 9.13  ? 11  LEU A O   1 
ATOM   82  C  CB  . LEU A 1 11 ? 10.672  8.477   -0.799  1.00 9.59  ? 11  LEU A CB  1 
ATOM   83  C  CG  . LEU A 1 11 ? 11.672  7.834   0.141   1.00 9.54  ? 11  LEU A CG  1 
ATOM   84  C  CD1 . LEU A 1 11 ? 12.401  6.721   -0.566  1.00 9.44  ? 11  LEU A CD1 1 
ATOM   85  C  CD2 . LEU A 1 11 ? 12.638  8.889   0.649   1.00 9.95  ? 11  LEU A CD2 1 
ATOM   86  N  N   . CYS A 1 12 ? 7.793   9.636   -1.466  1.00 9.33  ? 12  CYS A N   1 
ATOM   87  C  CA  . CYS A 1 12 ? 6.907   10.269  -2.443  1.00 9.56  ? 12  CYS A CA  1 
ATOM   88  C  C   . CYS A 1 12 ? 5.612   10.786  -1.808  1.00 9.53  ? 12  CYS A C   1 
ATOM   89  O  O   . CYS A 1 12 ? 4.813   11.394  -2.524  1.00 9.68  ? 12  CYS A O   1 
ATOM   90  C  CB  . CYS A 1 12 ? 6.548   9.284   -3.588  1.00 9.57  ? 12  CYS A CB  1 
ATOM   91  S  SG  . CYS A 1 12 ? 5.421   7.917   -3.167  1.00 9.72  ? 12  CYS A SG  1 
ATOM   92  N  N   . GLY A 1 13 ? 5.356   10.565  -0.499  1.00 9.33  ? 13  GLY A N   1 
ATOM   93  C  CA  . GLY A 1 13 ? 4.188   11.085  0.204   1.00 9.18  ? 13  GLY A CA  1 
ATOM   94  C  C   . GLY A 1 13 ? 2.900   10.307  0.011   1.00 9.50  ? 13  GLY A C   1 
ATOM   95  O  O   . GLY A 1 13 ? 1.851   10.727  0.492   1.00 9.67  ? 13  GLY A O   1 
ATOM   96  N  N   . GLN A 1 14 ? 2.915   9.151   -0.653  1.00 9.58  ? 14  GLN A N   1 
ATOM   97  C  CA  . GLN A 1 14 ? 1.694   8.399   -0.908  1.00 9.69  ? 14  GLN A CA  1 
ATOM   98  C  C   . GLN A 1 14 ? 1.213   7.803   0.414   1.00 9.44  ? 14  GLN A C   1 
ATOM   99  O  O   . GLN A 1 14 ? 2.030   7.285   1.199   1.00 9.26  ? 14  GLN A O   1 
ATOM   100 C  CB  . GLN A 1 14 ? 1.993   7.304   -1.950  1.00 10.30 ? 14  GLN A CB  1 
ATOM   101 C  CG  . GLN A 1 14 ? 0.817   6.444   -2.367  1.00 11.04 ? 14  GLN A CG  1 
ATOM   102 C  CD  . GLN A 1 14 ? 1.029   5.804   -3.722  1.00 11.71 ? 14  GLN A CD  1 
ATOM   103 O  OE1 . GLN A 1 14 ? 0.170   5.866   -4.592  1.00 12.25 ? 14  GLN A OE1 1 
ATOM   104 N  NE2 . GLN A 1 14 ? 2.161   5.199   -4.025  1.00 11.93 ? 14  GLN A NE2 1 
ATOM   105 N  N   . VAL A 1 15 ? -0.094  7.873   0.668   1.00 8.84  ? 15  VAL A N   1 
ATOM   106 C  CA  . VAL A 1 15 ? -0.663  7.392   1.919   1.00 8.55  ? 15  VAL A CA  1 
ATOM   107 C  C   . VAL A 1 15 ? -1.712  6.360   1.576   1.00 8.31  ? 15  VAL A C   1 
ATOM   108 O  O   . VAL A 1 15 ? -2.563  6.667   0.736   1.00 8.00  ? 15  VAL A O   1 
ATOM   109 C  CB  . VAL A 1 15 ? -1.336  8.545   2.731   1.00 8.41  ? 15  VAL A CB  1 
ATOM   110 C  CG1 . VAL A 1 15 ? -1.832  8.022   4.063   1.00 8.30  ? 15  VAL A CG1 1 
ATOM   111 C  CG2 . VAL A 1 15 ? -0.343  9.625   3.072   1.00 8.62  ? 15  VAL A CG2 1 
ATOM   112 N  N   . VAL A 1 16 ? -1.720  5.174   2.177   1.00 8.06  ? 16  VAL A N   1 
ATOM   113 C  CA  . VAL A 1 16 ? -2.772  4.205   1.929   1.00 8.19  ? 16  VAL A CA  1 
ATOM   114 C  C   . VAL A 1 16 ? -3.382  3.753   3.243   1.00 8.61  ? 16  VAL A C   1 
ATOM   115 O  O   . VAL A 1 16 ? -2.748  3.861   4.299   1.00 8.75  ? 16  VAL A O   1 
ATOM   116 C  CB  . VAL A 1 16 ? -2.272  2.926   1.163   1.00 8.14  ? 16  VAL A CB  1 
ATOM   117 C  CG1 . VAL A 1 16 ? -1.699  3.361   -0.189  1.00 8.00  ? 16  VAL A CG1 1 
ATOM   118 C  CG2 . VAL A 1 16 ? -1.241  2.124   1.982   1.00 8.00  ? 16  VAL A CG2 1 
ATOM   119 N  N   . LYS A 1 17 ? -4.618  3.281   3.201   1.00 9.10  ? 17  LYS A N   1 
ATOM   120 C  CA  . LYS A 1 17 ? -5.326  2.712   4.352   1.00 9.99  ? 17  LYS A CA  1 
ATOM   121 C  C   . LYS A 1 17 ? -5.471  1.218   4.112   1.00 9.69  ? 17  LYS A C   1 
ATOM   122 O  O   . LYS A 1 17 ? -5.830  0.826   2.996   1.00 9.41  ? 17  LYS A O   1 
ATOM   123 C  CB  . LYS A 1 17 ? -6.716  3.310   4.472   1.00 11.45 ? 17  LYS A CB  1 
ATOM   124 C  CG  . LYS A 1 17 ? -7.664  2.700   5.529   1.00 13.39 ? 17  LYS A CG  1 
ATOM   125 C  CD  . LYS A 1 17 ? -9.071  2.946   4.977   1.00 14.51 ? 17  LYS A CD  1 
ATOM   126 C  CE  . LYS A 1 17 ? -10.010 3.542   6.004   1.00 15.47 ? 17  LYS A CE  1 
ATOM   127 N  NZ  . LYS A 1 17 ? -10.524 2.569   6.945   1.00 16.51 ? 17  LYS A NZ  1 
ATOM   128 N  N   . VAL A 1 18 ? -5.222  0.351   5.082   1.00 9.50  ? 18  VAL A N   1 
ATOM   129 C  CA  . VAL A 1 18 ? -5.398  -1.091  4.927   1.00 9.71  ? 18  VAL A CA  1 
ATOM   130 C  C   . VAL A 1 18 ? -6.874  -1.470  5.098   1.00 9.95  ? 18  VAL A C   1 
ATOM   131 O  O   . VAL A 1 18 ? -7.475  -1.215  6.144   1.00 9.79  ? 18  VAL A O   1 
ATOM   132 C  CB  . VAL A 1 18 ? -4.510  -1.835  5.966   1.00 9.74  ? 18  VAL A CB  1 
ATOM   133 C  CG1 . VAL A 1 18 ? -4.680  -3.342  5.810   1.00 9.69  ? 18  VAL A CG1 1 
ATOM   134 C  CG2 . VAL A 1 18 ? -3.019  -1.468  5.748   1.00 9.76  ? 18  VAL A CG2 1 
ATOM   135 N  N   . LEU A 1 19 ? -7.483  -2.047  4.072   1.00 10.07 ? 19  LEU A N   1 
ATOM   136 C  CA  . LEU A 1 19 ? -8.867  -2.498  4.088   1.00 10.80 ? 19  LEU A CA  1 
ATOM   137 C  C   . LEU A 1 19 ? -8.954  -3.974  4.436   1.00 11.46 ? 19  LEU A C   1 
ATOM   138 O  O   . LEU A 1 19 ? -9.917  -4.436  5.046   1.00 12.08 ? 19  LEU A O   1 
ATOM   139 C  CB  . LEU A 1 19 ? -9.524  -2.288  2.733   1.00 10.31 ? 19  LEU A CB  1 
ATOM   140 C  CG  . LEU A 1 19 ? -9.759  -0.830  2.348   1.00 10.35 ? 19  LEU A CG  1 
ATOM   141 C  CD1 . LEU A 1 19 ? -10.437 -0.758  1.002   1.00 10.34 ? 19  LEU A CD1 1 
ATOM   142 C  CD2 . LEU A 1 19 ? -10.666 -0.161  3.388   1.00 10.51 ? 19  LEU A CD2 1 
ATOM   143 N  N   . GLU A 1 20 ? -7.969  -4.772  4.061   1.00 11.86 ? 20  GLU A N   1 
ATOM   144 C  CA  . GLU A 1 20 ? -7.988  -6.197  4.325   1.00 12.48 ? 20  GLU A CA  1 
ATOM   145 C  C   . GLU A 1 20 ? -6.564  -6.497  4.739   1.00 12.67 ? 20  GLU A C   1 
ATOM   146 O  O   . GLU A 1 20 ? -5.623  -6.203  3.994   1.00 12.04 ? 20  GLU A O   1 
ATOM   147 C  CB  . GLU A 1 20 ? -8.332  -6.972  3.050   1.00 13.14 ? 20  GLU A CB  1 
ATOM   148 C  CG  . GLU A 1 20 ? -8.546  -8.456  3.204   0.50 13.93 ? 20  GLU A CG  1 
ATOM   149 C  CD  . GLU A 1 20 ? -9.953  -8.775  3.662   0.50 14.58 ? 20  GLU A CD  1 
ATOM   150 O  OE1 . GLU A 1 20 ? -10.904 -8.447  2.951   0.50 14.72 ? 20  GLU A OE1 1 
ATOM   151 O  OE2 . GLU A 1 20 ? -10.096 -9.355  4.734   0.50 15.03 ? 20  GLU A OE2 1 
ATOM   152 N  N   . GLU A 1 21 ? -6.383  -7.058  5.924   1.00 13.28 ? 21  GLU A N   1 
ATOM   153 C  CA  . GLU A 1 21 ? -5.041  -7.332  6.412   1.00 13.92 ? 21  GLU A CA  1 
ATOM   154 C  C   . GLU A 1 21 ? -4.387  -8.492  5.684   1.00 14.15 ? 21  GLU A C   1 
ATOM   155 O  O   . GLU A 1 21 ? -5.027  -9.465  5.289   1.00 14.85 ? 21  GLU A O   1 
ATOM   156 C  CB  . GLU A 1 21 ? -5.056  -7.648  7.923   1.00 14.33 ? 21  GLU A CB  1 
ATOM   157 C  CG  . GLU A 1 21 ? -5.711  -8.926  8.445   0.50 14.23 ? 21  GLU A CG  1 
ATOM   158 C  CD  . GLU A 1 21 ? -5.524  -9.200  9.936   0.00 14.29 ? 21  GLU A CD  1 
ATOM   159 O  OE1 . GLU A 1 21 ? -4.989  -8.362  10.666  0.00 14.28 ? 21  GLU A OE1 1 
ATOM   160 O  OE2 . GLU A 1 21 ? -5.918  -10.278 10.373  0.00 14.28 ? 21  GLU A OE2 1 
ATOM   161 N  N   . GLY A 1 22 ? -3.100  -8.400  5.529   1.00 13.87 ? 22  GLY A N   1 
ATOM   162 C  CA  . GLY A 1 22 ? -2.282  -9.424  4.932   1.00 13.78 ? 22  GLY A CA  1 
ATOM   163 C  C   . GLY A 1 22 ? -0.983  -9.258  5.707   1.00 13.93 ? 22  GLY A C   1 
ATOM   164 O  O   . GLY A 1 22 ? -0.762  -8.229  6.390   1.00 15.32 ? 22  GLY A O   1 
ATOM   165 N  N   . GLY A 1 23 ? -0.076  -10.203 5.648   1.00 13.48 ? 23  GLY A N   1 
ATOM   166 C  CA  . GLY A 1 23 ? 1.137   -10.068 6.438   1.00 12.34 ? 23  GLY A CA  1 
ATOM   167 C  C   . GLY A 1 23 ? 2.297   -9.504  5.650   1.00 11.74 ? 23  GLY A C   1 
ATOM   168 O  O   . GLY A 1 23 ? 3.369   -9.279  6.215   1.00 11.70 ? 23  GLY A O   1 
ATOM   169 N  N   . GLY A 1 24 ? 2.102   -9.240  4.356   1.00 11.51 ? 24  GLY A N   1 
ATOM   170 C  CA  . GLY A 1 24 ? 3.201   -8.806  3.501   1.00 11.07 ? 24  GLY A CA  1 
ATOM   171 C  C   . GLY A 1 24 ? 3.632   -7.389  3.864   1.00 10.92 ? 24  GLY A C   1 
ATOM   172 O  O   . GLY A 1 24 ? 2.825   -6.624  4.424   1.00 10.57 ? 24  GLY A O   1 
ATOM   173 N  N   . THR A 1 25 ? 4.874   -7.008  3.587   1.00 10.87 ? 25  THR A N   1 
ATOM   174 C  CA  . THR A 1 25 ? 5.312   -5.645  3.860   1.00 10.92 ? 25  THR A CA  1 
ATOM   175 C  C   . THR A 1 25 ? 5.014   -4.725  2.675   1.00 10.41 ? 25  THR A C   1 
ATOM   176 O  O   . THR A 1 25 ? 5.355   -5.019  1.516   1.00 10.18 ? 25  THR A O   1 
ATOM   177 C  CB  . THR A 1 25 ? 6.808   -5.585  4.134   1.00 11.40 ? 25  THR A CB  1 
ATOM   178 O  OG1 . THR A 1 25 ? 7.057   -6.540  5.149   1.00 11.81 ? 25  THR A OG1 1 
ATOM   179 C  CG2 . THR A 1 25 ? 7.287   -4.215  4.626   1.00 11.03 ? 25  THR A CG2 1 
ATOM   180 N  N   . LEU A 1 26 ? 4.361   -3.617  3.001   1.00 9.77  ? 26  LEU A N   1 
ATOM   181 C  CA  . LEU A 1 26 ? 4.036   -2.620  2.000   1.00 9.48  ? 26  LEU A CA  1 
ATOM   182 C  C   . LEU A 1 26 ? 5.284   -1.820  1.700   1.00 9.34  ? 26  LEU A C   1 
ATOM   183 O  O   . LEU A 1 26 ? 5.922   -1.276  2.609   1.00 9.21  ? 26  LEU A O   1 
ATOM   184 C  CB  . LEU A 1 26 ? 2.952   -1.702  2.516   1.00 9.71  ? 26  LEU A CB  1 
ATOM   185 C  CG  . LEU A 1 26 ? 1.584   -2.348  2.746   1.00 10.19 ? 26  LEU A CG  1 
ATOM   186 C  CD1 . LEU A 1 26 ? 0.695   -1.343  3.447   1.00 10.46 ? 26  LEU A CD1 1 
ATOM   187 C  CD2 . LEU A 1 26 ? 0.993   -2.817  1.427   1.00 10.31 ? 26  LEU A CD2 1 
ATOM   188 N  N   . VAL A 1 27 ? 5.658   -1.747  0.434   1.00 9.17  ? 27  VAL A N   1 
ATOM   189 C  CA  . VAL A 1 27 ? 6.852   -1.046  -0.001  1.00 9.37  ? 27  VAL A CA  1 
ATOM   190 C  C   . VAL A 1 27 ? 6.456   -0.032  -1.049  1.00 9.76  ? 27  VAL A C   1 
ATOM   191 O  O   . VAL A 1 27 ? 5.566   -0.287  -1.869  1.00 10.03 ? 27  VAL A O   1 
ATOM   192 C  CB  . VAL A 1 27 ? 7.867   -2.047  -0.598  1.00 9.70  ? 27  VAL A CB  1 
ATOM   193 C  CG1 . VAL A 1 27 ? 9.057   -1.361  -1.279  1.00 9.82  ? 27  VAL A CG1 1 
ATOM   194 C  CG2 . VAL A 1 27 ? 8.368   -2.911  0.541   1.00 9.70  ? 27  VAL A CG2 1 
ATOM   195 N  N   . CYS A 1 28 ? 7.123   1.116   -1.046  1.00 9.69  ? 28  CYS A N   1 
ATOM   196 C  CA  . CYS A 1 28 ? 6.900   2.144   -2.043  1.00 9.85  ? 28  CYS A CA  1 
ATOM   197 C  C   . CYS A 1 28 ? 8.220   2.869   -2.201  1.00 9.84  ? 28  CYS A C   1 
ATOM   198 O  O   . CYS A 1 28 ? 8.891   3.128   -1.206  1.00 9.70  ? 28  CYS A O   1 
ATOM   199 C  CB  . CYS A 1 28 ? 5.826   3.122   -1.575  1.00 9.70  ? 28  CYS A CB  1 
ATOM   200 S  SG  . CYS A 1 28 ? 5.358   4.334   -2.839  1.00 9.73  ? 28  CYS A SG  1 
ATOM   201 N  N   . CYS A 1 29 ? 8.658   3.190   -3.429  1.00 10.24 ? 29  CYS A N   1 
ATOM   202 C  CA  . CYS A 1 29 ? 9.915   3.912   -3.685  1.00 10.59 ? 29  CYS A CA  1 
ATOM   203 C  C   . CYS A 1 29 ? 11.154  3.185   -3.152  1.00 11.11 ? 29  CYS A C   1 
ATOM   204 O  O   . CYS A 1 29 ? 12.128  3.774   -2.673  1.00 11.59 ? 29  CYS A O   1 
ATOM   205 C  CB  . CYS A 1 29 ? 9.851   5.318   -3.068  1.00 10.12 ? 29  CYS A CB  1 
ATOM   206 S  SG  . CYS A 1 29 ? 8.623   6.380   -3.860  1.00 10.45 ? 29  CYS A SG  1 
ATOM   207 N  N   . GLY A 1 30 ? 11.168  1.856   -3.219  1.00 11.71 ? 30  GLY A N   1 
ATOM   208 C  CA  . GLY A 1 30 ? 12.265  1.039   -2.735  1.00 12.16 ? 30  GLY A CA  1 
ATOM   209 C  C   . GLY A 1 30 ? 12.385  1.011   -1.225  1.00 12.69 ? 30  GLY A C   1 
ATOM   210 O  O   . GLY A 1 30 ? 13.430  0.589   -0.724  1.00 13.24 ? 30  GLY A O   1 
ATOM   211 N  N   . GLU A 1 31 ? 11.395  1.419   -0.436  1.00 12.45 ? 31  GLU A N   1 
ATOM   212 C  CA  . GLU A 1 31 ? 11.519  1.457   1.016   1.00 12.24 ? 31  GLU A CA  1 
ATOM   213 C  C   . GLU A 1 31 ? 10.217  1.036   1.686   1.00 11.16 ? 31  GLU A C   1 
ATOM   214 O  O   . GLU A 1 31 ? 9.150   1.200   1.096   1.00 10.85 ? 31  GLU A O   1 
ATOM   215 C  CB  . GLU A 1 31 ? 11.910  2.883   1.341   1.00 13.12 ? 31  GLU A CB  1 
ATOM   216 C  CG  . GLU A 1 31 ? 11.700  3.395   2.739   1.00 13.67 ? 31  GLU A CG  1 
ATOM   217 C  CD  . GLU A 1 31 ? 12.130  4.844   2.878   1.00 14.16 ? 31  GLU A CD  1 
ATOM   218 O  OE1 . GLU A 1 31 ? 13.313  5.113   2.666   1.00 14.10 ? 31  GLU A OE1 1 
ATOM   219 O  OE2 . GLU A 1 31 ? 11.288  5.688   3.210   1.00 14.20 ? 31  GLU A OE2 1 
ATOM   220 N  N   . ASP A 1 32 ? 10.294  0.492   2.894   1.00 10.33 ? 32  ASP A N   1 
ATOM   221 C  CA  . ASP A 1 32 ? 9.112   0.085   3.634   1.00 9.86  ? 32  ASP A CA  1 
ATOM   222 C  C   . ASP A 1 32 ? 8.278   1.287   4.023   1.00 9.29  ? 32  ASP A C   1 
ATOM   223 O  O   . ASP A 1 32 ? 8.826   2.302   4.487   1.00 8.78  ? 32  ASP A O   1 
ATOM   224 C  CB  . ASP A 1 32 ? 9.544   -0.676  4.880   1.00 9.72  ? 32  ASP A CB  1 
ATOM   225 C  CG  . ASP A 1 32 ? 10.100  -2.066  4.611   1.00 10.18 ? 32  ASP A CG  1 
ATOM   226 O  OD1 . ASP A 1 32 ? 10.294  -2.453  3.459   1.00 10.12 ? 32  ASP A OD1 1 
ATOM   227 O  OD2 . ASP A 1 32 ? 10.301  -2.793  5.579   1.00 10.32 ? 32  ASP A OD2 1 
ATOM   228 N  N   . MET A 1 33 ? 6.968   1.202   3.792   1.00 8.77  ? 33  MET A N   1 
ATOM   229 C  CA  . MET A 1 33 ? 6.061   2.271   4.179   1.00 8.95  ? 33  MET A CA  1 
ATOM   230 C  C   . MET A 1 33 ? 5.976   2.322   5.707   1.00 8.76  ? 33  MET A C   1 
ATOM   231 O  O   . MET A 1 33 ? 6.219   1.332   6.387   1.00 8.16  ? 33  MET A O   1 
ATOM   232 C  CB  . MET A 1 33 ? 4.688   2.031   3.554   1.00 9.00  ? 33  MET A CB  1 
ATOM   233 C  CG  . MET A 1 33 ? 4.710   2.309   2.043   1.00 9.41  ? 33  MET A CG  1 
ATOM   234 S  SD  . MET A 1 33 ? 3.126   2.029   1.212   1.00 9.97  ? 33  MET A SD  1 
ATOM   235 C  CE  . MET A 1 33 ? 2.449   3.663   1.325   1.00 9.96  ? 33  MET A CE  1 
ATOM   236 N  N   . VAL A 1 34 ? 5.682   3.470   6.285   1.00 8.87  ? 34  VAL A N   1 
ATOM   237 C  CA  . VAL A 1 34 ? 5.701   3.685   7.729   1.00 9.13  ? 34  VAL A CA  1 
ATOM   238 C  C   . VAL A 1 34 ? 4.292   3.745   8.282   1.00 9.93  ? 34  VAL A C   1 
ATOM   239 O  O   . VAL A 1 34 ? 3.465   4.536   7.788   1.00 9.85  ? 34  VAL A O   1 
ATOM   240 C  CB  . VAL A 1 34 ? 6.425   5.004   8.027   1.00 9.22  ? 34  VAL A CB  1 
ATOM   241 C  CG1 . VAL A 1 34 ? 6.439   5.307   9.526   1.00 9.10  ? 34  VAL A CG1 1 
ATOM   242 C  CG2 . VAL A 1 34 ? 7.869   4.912   7.485   1.00 9.03  ? 34  VAL A CG2 1 
ATOM   243 N  N   . LYS A 1 35 ? 4.004   2.984   9.324   1.00 10.78 ? 35  LYS A N   1 
ATOM   244 C  CA  . LYS A 1 35 ? 2.676   3.013   9.930   1.00 11.75 ? 35  LYS A CA  1 
ATOM   245 C  C   . LYS A 1 35 ? 2.481   4.360   10.616  1.00 12.06 ? 35  LYS A C   1 
ATOM   246 O  O   . LYS A 1 35 ? 3.380   4.856   11.311  1.00 11.62 ? 35  LYS A O   1 
ATOM   247 C  CB  . LYS A 1 35 ? 2.543   1.896   10.943  1.00 12.76 ? 35  LYS A CB  1 
ATOM   248 C  CG  . LYS A 1 35 ? 1.162   1.835   11.545  1.00 14.24 ? 35  LYS A CG  1 
ATOM   249 C  CD  . LYS A 1 35 ? 1.153   0.643   12.464  1.00 15.82 ? 35  LYS A CD  1 
ATOM   250 C  CE  . LYS A 1 35 ? 0.074   0.886   13.491  1.00 16.94 ? 35  LYS A CE  1 
ATOM   251 N  NZ  . LYS A 1 35 ? -0.015  -0.269  14.365  1.00 18.33 ? 35  LYS A NZ  1 
ATOM   252 N  N   . GLN A 1 36 ? 1.322   4.949   10.367  1.00 12.34 ? 36  GLN A N   1 
ATOM   253 C  CA  . GLN A 1 36 ? 0.957   6.218   10.936  1.00 13.19 ? 36  GLN A CA  1 
ATOM   254 C  C   . GLN A 1 36 ? 0.203   6.059   12.262  1.00 13.98 ? 36  GLN A C   1 
ATOM   255 O  O   . GLN A 1 36 ? 0.244   6.969   13.081  1.00 14.67 ? 36  GLN A O   1 
ATOM   256 C  CB  . GLN A 1 36 ? 0.113   6.976   9.909   1.00 13.01 ? 36  GLN A CB  1 
ATOM   257 C  CG  . GLN A 1 36 ? 0.862   7.224   8.593   1.00 13.34 ? 36  GLN A CG  1 
ATOM   258 C  CD  . GLN A 1 36 ? 2.139   8.042   8.759   1.00 13.54 ? 36  GLN A CD  1 
ATOM   259 O  OE1 . GLN A 1 36 ? 2.067   9.260   8.936   1.00 13.94 ? 36  GLN A OE1 1 
ATOM   260 N  NE2 . GLN A 1 36 ? 3.328   7.461   8.726   1.00 13.02 ? 36  GLN A NE2 1 
ATOM   261 O  OXT . GLN A 1 36 ? -0.425  5.027   12.491  1.00 14.58 ? 36  GLN A OXT 1 
ATOM   262 N  N   . ALA B 1 1  ? 0.086   5.706   -7.267  1.00 23.44 ? 1   ALA B N   1 
ATOM   263 C  CA  . ALA B 1 1  ? -1.294  5.442   -7.649  1.00 23.52 ? 1   ALA B CA  1 
ATOM   264 C  C   . ALA B 1 1  ? -2.144  6.668   -7.337  1.00 23.35 ? 1   ALA B C   1 
ATOM   265 O  O   . ALA B 1 1  ? -1.621  7.576   -6.689  1.00 23.27 ? 1   ALA B O   1 
ATOM   266 C  CB  . ALA B 1 1  ? -1.826  4.274   -6.856  1.00 23.47 ? 1   ALA B CB  1 
ATOM   267 N  N   . ASN B 1 2  ? -3.433  6.699   -7.704  1.00 23.25 ? 2   ASN B N   1 
ATOM   268 C  CA  . ASN B 1 2  ? -4.298  7.890   -7.553  1.00 23.12 ? 2   ASN B CA  1 
ATOM   269 C  C   . ASN B 1 2  ? -5.309  7.760   -6.407  1.00 22.39 ? 2   ASN B C   1 
ATOM   270 O  O   . ASN B 1 2  ? -5.722  6.640   -6.092  1.00 22.03 ? 2   ASN B O   1 
ATOM   271 C  CB  . ASN B 1 2  ? -5.095  8.150   -8.842  1.00 23.83 ? 2   ASN B CB  1 
ATOM   272 C  CG  . ASN B 1 2  ? -4.291  8.228   -10.134 1.00 24.51 ? 2   ASN B CG  1 
ATOM   273 O  OD1 . ASN B 1 2  ? -3.242  8.864   -10.236 1.00 25.16 ? 2   ASN B OD1 1 
ATOM   274 N  ND2 . ASN B 1 2  ? -4.706  7.575   -11.204 1.00 24.76 ? 2   ASN B ND2 1 
ATOM   275 N  N   . GLU B 1 3  ? -5.776  8.860   -5.784  1.00 21.60 ? 3   GLU B N   1 
ATOM   276 C  CA  . GLU B 1 3  ? -6.709  8.847   -4.632  1.00 20.42 ? 3   GLU B CA  1 
ATOM   277 C  C   . GLU B 1 3  ? -7.950  8.001   -4.848  1.00 19.40 ? 3   GLU B C   1 
ATOM   278 O  O   . GLU B 1 3  ? -8.543  8.087   -5.924  1.00 20.05 ? 3   GLU B O   1 
ATOM   279 C  CB  . GLU B 1 3  ? -7.254  10.225  -4.269  0.50 20.31 ? 3   GLU B CB  1 
ATOM   280 C  CG  . GLU B 1 3  ? -6.393  11.072  -3.372  0.00 20.46 ? 3   GLU B CG  1 
ATOM   281 C  CD  . GLU B 1 3  ? -7.071  12.365  -2.950  0.00 20.54 ? 3   GLU B CD  1 
ATOM   282 O  OE1 . GLU B 1 3  ? -6.972  13.357  -3.670  0.00 20.56 ? 3   GLU B OE1 1 
ATOM   283 O  OE2 . GLU B 1 3  ? -7.698  12.379  -1.897  0.50 20.74 ? 3   GLU B OE2 1 
ATOM   284 N  N   . GLY B 1 4  ? -8.387  7.194   -3.898  1.00 17.50 ? 4   GLY B N   1 
ATOM   285 C  CA  . GLY B 1 4  ? -9.571  6.390   -4.086  1.00 15.93 ? 4   GLY B CA  1 
ATOM   286 C  C   . GLY B 1 4  ? -9.245  5.058   -4.754  1.00 14.61 ? 4   GLY B C   1 
ATOM   287 O  O   . GLY B 1 4  ? -10.078 4.150   -4.711  1.00 14.23 ? 4   GLY B O   1 
ATOM   288 N  N   . ASP B 1 5  ? -8.086  4.862   -5.399  1.00 13.74 ? 5   ASP B N   1 
ATOM   289 C  CA  . ASP B 1 5  ? -7.755  3.569   -6.000  1.00 13.23 ? 5   ASP B CA  1 
ATOM   290 C  C   . ASP B 1 5  ? -7.587  2.473   -4.967  1.00 12.23 ? 5   ASP B C   1 
ATOM   291 O  O   . ASP B 1 5  ? -7.102  2.724   -3.864  1.00 11.40 ? 5   ASP B O   1 
ATOM   292 C  CB  . ASP B 1 5  ? -6.480  3.648   -6.783  1.00 14.16 ? 5   ASP B CB  1 
ATOM   293 C  CG  . ASP B 1 5  ? -6.602  4.352   -8.128  1.00 15.25 ? 5   ASP B CG  1 
ATOM   294 O  OD1 . ASP B 1 5  ? -7.712  4.561   -8.629  1.00 15.59 ? 5   ASP B OD1 1 
ATOM   295 O  OD2 . ASP B 1 5  ? -5.557  4.701   -8.666  1.00 15.99 ? 5   ASP B OD2 1 
ATOM   296 N  N   . VAL B 1 6  ? -8.020  1.271   -5.338  1.00 11.32 ? 6   VAL B N   1 
ATOM   297 C  CA  . VAL B 1 6  ? -7.948  0.116   -4.474  1.00 10.78 ? 6   VAL B CA  1 
ATOM   298 C  C   . VAL B 1 6  ? -6.928  -0.835  -5.084  1.00 10.59 ? 6   VAL B C   1 
ATOM   299 O  O   . VAL B 1 6  ? -7.025  -1.143  -6.272  1.00 10.34 ? 6   VAL B O   1 
ATOM   300 C  CB  . VAL B 1 6  ? -9.357  -0.521  -4.385  1.00 10.80 ? 6   VAL B CB  1 
ATOM   301 C  CG1 . VAL B 1 6  ? -9.308  -1.852  -3.657  1.00 10.75 ? 6   VAL B CG1 1 
ATOM   302 C  CG2 . VAL B 1 6  ? -10.275 0.416   -3.593  1.00 10.82 ? 6   VAL B CG2 1 
ATOM   303 N  N   . TYR B 1 7  ? -5.952  -1.310  -4.324  1.00 10.45 ? 7   TYR B N   1 
ATOM   304 C  CA  . TYR B 1 7  ? -4.938  -2.239  -4.804  1.00 10.79 ? 7   TYR B CA  1 
ATOM   305 C  C   . TYR B 1 7  ? -4.916  -3.491  -3.953  1.00 10.60 ? 7   TYR B C   1 
ATOM   306 O  O   . TYR B 1 7  ? -5.087  -3.407  -2.733  1.00 10.24 ? 7   TYR B O   1 
ATOM   307 C  CB  . TYR B 1 7  ? -3.561  -1.635  -4.741  1.00 11.51 ? 7   TYR B CB  1 
ATOM   308 C  CG  . TYR B 1 7  ? -3.284  -0.725  -5.920  1.00 12.48 ? 7   TYR B CG  1 
ATOM   309 C  CD1 . TYR B 1 7  ? -3.904  0.539   -6.006  1.00 12.80 ? 7   TYR B CD1 1 
ATOM   310 C  CD2 . TYR B 1 7  ? -2.392  -1.165  -6.911  1.00 12.86 ? 7   TYR B CD2 1 
ATOM   311 C  CE1 . TYR B 1 7  ? -3.658  1.348   -7.114  1.00 13.11 ? 7   TYR B CE1 1 
ATOM   312 C  CE2 . TYR B 1 7  ? -2.148  -0.340  -8.006  1.00 13.17 ? 7   TYR B CE2 1 
ATOM   313 C  CZ  . TYR B 1 7  ? -2.793  0.894   -8.104  1.00 13.49 ? 7   TYR B CZ  1 
ATOM   314 O  OH  . TYR B 1 7  ? -2.518  1.680   -9.207  1.00 14.41 ? 7   TYR B OH  1 
ATOM   315 N  N   . LYS B 1 8  ? -4.691  -4.656  -4.567  1.00 10.08 ? 8   LYS B N   1 
ATOM   316 C  CA  . LYS B 1 8  ? -4.649  -5.916  -3.851  1.00 10.12 ? 8   LYS B CA  1 
ATOM   317 C  C   . LYS B 1 8  ? -3.335  -6.650  -4.055  1.00 9.67  ? 8   LYS B C   1 
ATOM   318 O  O   . LYS B 1 8  ? -2.789  -6.630  -5.161  1.00 9.30  ? 8   LYS B O   1 
ATOM   319 C  CB  . LYS B 1 8  ? -5.773  -6.839  -4.323  1.00 11.11 ? 8   LYS B CB  1 
ATOM   320 C  CG  . LYS B 1 8  ? -5.841  -8.122  -3.517  1.00 12.29 ? 8   LYS B CG  1 
ATOM   321 C  CD  . LYS B 1 8  ? -6.650  -9.151  -4.269  1.00 13.60 ? 8   LYS B CD  1 
ATOM   322 C  CE  . LYS B 1 8  ? -6.673  -10.383 -3.393  1.00 14.38 ? 8   LYS B CE  1 
ATOM   323 N  NZ  . LYS B 1 8  ? -7.196  -11.531 -4.097  1.00 15.30 ? 8   LYS B NZ  1 
ATOM   324 N  N   . CYS B 1 9  ? -2.781  -7.258  -3.021  1.00 9.31  ? 9   CYS B N   1 
ATOM   325 C  CA  . CYS B 1 9  ? -1.661  -8.151  -3.201  1.00 9.72  ? 9   CYS B CA  1 
ATOM   326 C  C   . CYS B 1 9  ? -2.270  -9.533  -3.455  1.00 10.07 ? 9   CYS B C   1 
ATOM   327 O  O   . CYS B 1 9  ? -2.930  -10.114 -2.586  1.00 9.34  ? 9   CYS B O   1 
ATOM   328 C  CB  . CYS B 1 9  ? -0.795  -8.211  -1.956  1.00 9.95  ? 9   CYS B CB  1 
ATOM   329 S  SG  . CYS B 1 9  ? 0.564   -9.422  -2.050  1.00 10.11 ? 9   CYS B SG  1 
ATOM   330 N  N   . GLU B 1 10 ? -2.067  -10.119 -4.629  1.00 10.94 ? 10  GLU B N   1 
ATOM   331 C  CA  . GLU B 1 10 ? -2.598  -11.444 -4.921  1.00 12.04 ? 10  GLU B CA  1 
ATOM   332 C  C   . GLU B 1 10 ? -1.940  -12.558 -4.116  1.00 11.81 ? 10  GLU B C   1 
ATOM   333 O  O   . GLU B 1 10 ? -2.529  -13.634 -3.964  1.00 12.30 ? 10  GLU B O   1 
ATOM   334 C  CB  . GLU B 1 10 ? -2.444  -11.715 -6.418  1.00 13.43 ? 10  GLU B CB  1 
ATOM   335 C  CG  . GLU B 1 10 ? -3.407  -10.812 -7.180  1.00 15.27 ? 10  GLU B CG  1 
ATOM   336 C  CD  . GLU B 1 10 ? -3.404  -10.948 -8.703  1.00 16.89 ? 10  GLU B CD  1 
ATOM   337 O  OE1 . GLU B 1 10 ? -2.453  -11.488 -9.292  1.00 17.71 ? 10  GLU B OE1 1 
ATOM   338 O  OE2 . GLU B 1 10 ? -4.370  -10.490 -9.324  1.00 17.80 ? 10  GLU B OE2 1 
ATOM   339 N  N   . LEU B 1 11 ? -0.736  -12.368 -3.572  1.00 10.79 ? 11  LEU B N   1 
ATOM   340 C  CA  . LEU B 1 11 ? -0.101  -13.439 -2.823  1.00 10.45 ? 11  LEU B CA  1 
ATOM   341 C  C   . LEU B 1 11 ? -0.625  -13.556 -1.403  1.00 10.19 ? 11  LEU B C   1 
ATOM   342 O  O   . LEU B 1 11 ? -1.036  -14.634 -0.975  1.00 10.15 ? 11  LEU B O   1 
ATOM   343 C  CB  . LEU B 1 11 ? 1.412   -13.218 -2.812  1.00 10.22 ? 11  LEU B CB  1 
ATOM   344 C  CG  . LEU B 1 11 ? 2.066   -13.236 -4.185  1.00 10.32 ? 11  LEU B CG  1 
ATOM   345 C  CD1 . LEU B 1 11 ? 3.566   -13.046 -4.097  1.00 10.22 ? 11  LEU B CD1 1 
ATOM   346 C  CD2 . LEU B 1 11 ? 1.757   -14.575 -4.825  1.00 10.83 ? 11  LEU B CD2 1 
ATOM   347 N  N   . CYS B 1 12 ? -0.711  -12.448 -0.678  1.00 9.89  ? 12  CYS B N   1 
ATOM   348 C  CA  . CYS B 1 12 ? -1.124  -12.513 0.717   1.00 9.93  ? 12  CYS B CA  1 
ATOM   349 C  C   . CYS B 1 12 ? -2.515  -11.955 0.969   1.00 9.75  ? 12  CYS B C   1 
ATOM   350 O  O   . CYS B 1 12 ? -2.924  -11.921 2.131   1.00 10.10 ? 12  CYS B O   1 
ATOM   351 C  CB  . CYS B 1 12 ? -0.119  -11.758 1.630   1.00 9.97  ? 12  CYS B CB  1 
ATOM   352 S  SG  . CYS B 1 12 ? -0.194  -9.938  1.608   1.00 10.28 ? 12  CYS B SG  1 
ATOM   353 N  N   . GLY B 1 13 ? -3.214  -11.470 -0.066  1.00 9.47  ? 13  GLY B N   1 
ATOM   354 C  CA  . GLY B 1 13 ? -4.558  -10.960 0.050   1.00 9.20  ? 13  GLY B CA  1 
ATOM   355 C  C   . GLY B 1 13 ? -4.657  -9.577  0.644   1.00 9.36  ? 13  GLY B C   1 
ATOM   356 O  O   . GLY B 1 13 ? -5.782  -9.120  0.832   1.00 9.73  ? 13  GLY B O   1 
ATOM   357 N  N   . GLN B 1 14 ? -3.590  -8.828  0.915   1.00 9.39  ? 14  GLN B N   1 
ATOM   358 C  CA  . GLN B 1 14 ? -3.703  -7.545  1.606   1.00 9.72  ? 14  GLN B CA  1 
ATOM   359 C  C   . GLN B 1 14 ? -4.337  -6.552  0.652   1.00 9.25  ? 14  GLN B C   1 
ATOM   360 O  O   . GLN B 1 14 ? -3.943  -6.546  -0.516  1.00 9.30  ? 14  GLN B O   1 
ATOM   361 C  CB  . GLN B 1 14 ? -2.324  -7.037  2.040   1.00 10.63 ? 14  GLN B CB  1 
ATOM   362 C  CG  . GLN B 1 14 ? -2.336  -5.756  2.881   1.00 11.96 ? 14  GLN B CG  1 
ATOM   363 C  CD  . GLN B 1 14 ? -1.140  -5.634  3.816   1.00 12.78 ? 14  GLN B CD  1 
ATOM   364 O  OE1 . GLN B 1 14 ? -1.303  -5.438  5.018   1.00 14.24 ? 14  GLN B OE1 1 
ATOM   365 N  NE2 . GLN B 1 14 ? 0.104   -5.802  3.399   1.00 12.81 ? 14  GLN B NE2 1 
ATOM   366 N  N   . VAL B 1 15 ? -5.299  -5.739  1.068   1.00 8.54  ? 15  VAL B N   1 
ATOM   367 C  CA  . VAL B 1 15 ? -5.942  -4.787  0.161   1.00 8.48  ? 15  VAL B CA  1 
ATOM   368 C  C   . VAL B 1 15 ? -5.782  -3.401  0.768   1.00 8.30  ? 15  VAL B C   1 
ATOM   369 O  O   . VAL B 1 15 ? -6.068  -3.200  1.955   1.00 8.26  ? 15  VAL B O   1 
ATOM   370 C  CB  . VAL B 1 15 ? -7.456  -5.111  -0.011  1.00 8.30  ? 15  VAL B CB  1 
ATOM   371 C  CG1 . VAL B 1 15 ? -8.146  -4.063  -0.882  1.00 8.00  ? 15  VAL B CG1 1 
ATOM   372 C  CG2 . VAL B 1 15 ? -7.612  -6.483  -0.672  1.00 8.24  ? 15  VAL B CG2 1 
ATOM   373 N  N   . VAL B 1 16 ? -5.341  -2.428  -0.015  1.00 8.26  ? 16  VAL B N   1 
ATOM   374 C  CA  . VAL B 1 16 ? -5.191  -1.062  0.461   1.00 8.24  ? 16  VAL B CA  1 
ATOM   375 C  C   . VAL B 1 16 ? -5.964  -0.111  -0.437  1.00 8.48  ? 16  VAL B C   1 
ATOM   376 O  O   . VAL B 1 16 ? -6.250  -0.411  -1.599  1.00 8.11  ? 16  VAL B O   1 
ATOM   377 C  CB  . VAL B 1 16 ? -3.685  -0.593  0.509   1.00 8.42  ? 16  VAL B CB  1 
ATOM   378 C  CG1 . VAL B 1 16 ? -2.930  -1.492  1.501   1.00 8.12  ? 16  VAL B CG1 1 
ATOM   379 C  CG2 . VAL B 1 16 ? -3.032  -0.599  -0.883  1.00 8.00  ? 16  VAL B CG2 1 
ATOM   380 N  N   . LYS B 1 17 ? -6.350  1.025   0.109   1.00 8.81  ? 17  LYS B N   1 
ATOM   381 C  CA  . LYS B 1 17 ? -7.003  2.066   -0.656  1.00 9.49  ? 17  LYS B CA  1 
ATOM   382 C  C   . LYS B 1 17 ? -6.113  3.287   -0.549  1.00 9.49  ? 17  LYS B C   1 
ATOM   383 O  O   . LYS B 1 17 ? -5.639  3.605   0.550   1.00 9.30  ? 17  LYS B O   1 
ATOM   384 C  CB  . LYS B 1 17 ? -8.369  2.382   -0.072  1.00 10.58 ? 17  LYS B CB  1 
ATOM   385 C  CG  . LYS B 1 17 ? -9.156  3.433   -0.861  1.00 11.91 ? 17  LYS B CG  1 
ATOM   386 C  CD  . LYS B 1 17 ? -10.540 3.496   -0.217  1.00 13.02 ? 17  LYS B CD  1 
ATOM   387 C  CE  . LYS B 1 17 ? -11.456 4.453   -0.929  1.00 14.06 ? 17  LYS B CE  1 
ATOM   388 N  NZ  . LYS B 1 17 ? -12.766 4.463   -0.269  1.00 14.63 ? 17  LYS B NZ  1 
ATOM   389 N  N   . VAL B 1 18 ? -5.859  3.968   -1.658  1.00 9.40  ? 18  VAL B N   1 
ATOM   390 C  CA  . VAL B 1 18 ? -5.015  5.160   -1.691  1.00 9.43  ? 18  VAL B CA  1 
ATOM   391 C  C   . VAL B 1 18 ? -5.756  6.371   -1.132  1.00 9.55  ? 18  VAL B C   1 
ATOM   392 O  O   . VAL B 1 18 ? -6.821  6.729   -1.647  1.00 9.64  ? 18  VAL B O   1 
ATOM   393 C  CB  . VAL B 1 18 ? -4.546  5.464   -3.152  1.00 9.32  ? 18  VAL B CB  1 
ATOM   394 C  CG1 . VAL B 1 18 ? -3.676  6.720   -3.207  1.00 9.07  ? 18  VAL B CG1 1 
ATOM   395 C  CG2 . VAL B 1 18 ? -3.728  4.281   -3.674  1.00 9.13  ? 18  VAL B CG2 1 
ATOM   396 N  N   . LEU B 1 19 ? -5.195  7.026   -0.116  1.00 9.70  ? 19  LEU B N   1 
ATOM   397 C  CA  . LEU B 1 19 ? -5.758  8.221   0.493   1.00 10.37 ? 19  LEU B CA  1 
ATOM   398 C  C   . LEU B 1 19 ? -5.110  9.486   -0.027  1.00 11.01 ? 19  LEU B C   1 
ATOM   399 O  O   . LEU B 1 19 ? -5.781  10.512  -0.131  1.00 11.06 ? 19  LEU B O   1 
ATOM   400 C  CB  . LEU B 1 19 ? -5.593  8.206   2.008   1.00 10.28 ? 19  LEU B CB  1 
ATOM   401 C  CG  . LEU B 1 19 ? -6.370  7.138   2.750   1.00 10.44 ? 19  LEU B CG  1 
ATOM   402 C  CD1 . LEU B 1 19 ? -6.048  7.266   4.223   1.00 10.08 ? 19  LEU B CD1 1 
ATOM   403 C  CD2 . LEU B 1 19 ? -7.861  7.267   2.462   1.00 10.58 ? 19  LEU B CD2 1 
ATOM   404 N  N   . GLU B 1 20 ? -3.814  9.462   -0.317  1.00 11.44 ? 20  GLU B N   1 
ATOM   405 C  CA  . GLU B 1 20 ? -3.083  10.595  -0.859  1.00 12.27 ? 20  GLU B CA  1 
ATOM   406 C  C   . GLU B 1 20 ? -2.195  9.987   -1.923  1.00 12.34 ? 20  GLU B C   1 
ATOM   407 O  O   . GLU B 1 20 ? -1.503  9.006   -1.652  1.00 11.73 ? 20  GLU B O   1 
ATOM   408 C  CB  . GLU B 1 20 ? -2.206  11.266  0.184   1.00 13.11 ? 20  GLU B CB  1 
ATOM   409 C  CG  . GLU B 1 20 ? -2.907  12.406  0.903   1.00 14.39 ? 20  GLU B CG  1 
ATOM   410 C  CD  . GLU B 1 20 ? -2.054  13.028  2.002   0.50 14.58 ? 20  GLU B CD  1 
ATOM   411 O  OE1 . GLU B 1 20 ? -1.000  13.586  1.701   0.50 15.10 ? 20  GLU B OE1 1 
ATOM   412 O  OE2 . GLU B 1 20 ? -2.436  12.945  3.167   0.50 14.62 ? 20  GLU B OE2 1 
ATOM   413 N  N   . GLU B 1 21 ? -2.246  10.524  -3.129  1.00 12.77 ? 21  GLU B N   1 
ATOM   414 C  CA  . GLU B 1 21 ? -1.514  9.946   -4.241  1.00 13.50 ? 21  GLU B CA  1 
ATOM   415 C  C   . GLU B 1 21 ? -0.023  10.195  -4.119  1.00 13.56 ? 21  GLU B C   1 
ATOM   416 O  O   . GLU B 1 21 ? 0.416   11.152  -3.484  1.00 14.07 ? 21  GLU B O   1 
ATOM   417 C  CB  . GLU B 1 21 ? -2.015  10.537  -5.575  1.00 13.98 ? 21  GLU B CB  1 
ATOM   418 C  CG  . GLU B 1 21 ? -1.745  12.035  -5.762  1.00 14.28 ? 21  GLU B CG  1 
ATOM   419 C  CD  . GLU B 1 21 ? -0.779  12.421  -6.871  0.00 13.93 ? 21  GLU B CD  1 
ATOM   420 O  OE1 . GLU B 1 21 ? 0.426   12.232  -6.715  0.00 13.90 ? 21  GLU B OE1 1 
ATOM   421 O  OE2 . GLU B 1 21 ? -1.238  12.928  -7.892  0.00 13.90 ? 21  GLU B OE2 1 
ATOM   422 N  N   . GLY B 1 22 ? 0.772   9.379   -4.757  1.00 13.39 ? 22  GLY B N   1 
ATOM   423 C  CA  . GLY B 1 22 ? 2.210   9.531   -4.804  1.00 13.34 ? 22  GLY B CA  1 
ATOM   424 C  C   . GLY B 1 22 ? 2.603   8.837   -6.098  1.00 13.06 ? 22  GLY B C   1 
ATOM   425 O  O   . GLY B 1 22 ? 1.836   8.027   -6.641  1.00 13.10 ? 22  GLY B O   1 
ATOM   426 N  N   . GLY B 1 23 ? 3.782   9.142   -6.637  1.00 12.86 ? 23  GLY B N   1 
ATOM   427 C  CA  . GLY B 1 23 ? 4.208   8.556   -7.898  1.00 12.20 ? 23  GLY B CA  1 
ATOM   428 C  C   . GLY B 1 23 ? 4.856   7.188   -7.758  1.00 11.84 ? 23  GLY B C   1 
ATOM   429 O  O   . GLY B 1 23 ? 5.153   6.546   -8.774  1.00 12.00 ? 23  GLY B O   1 
ATOM   430 N  N   . GLY B 1 24 ? 5.072   6.687   -6.533  1.00 11.61 ? 24  GLY B N   1 
ATOM   431 C  CA  . GLY B 1 24 ? 5.746   5.409   -6.323  1.00 10.65 ? 24  GLY B CA  1 
ATOM   432 C  C   . GLY B 1 24 ? 4.803   4.256   -6.632  1.00 10.74 ? 24  GLY B C   1 
ATOM   433 O  O   . GLY B 1 24 ? 3.588   4.441   -6.527  1.00 10.44 ? 24  GLY B O   1 
ATOM   434 N  N   . THR B 1 25 ? 5.335   3.065   -6.962  1.00 10.73 ? 25  THR B N   1 
ATOM   435 C  CA  . THR B 1 25 ? 4.522   1.876   -7.256  1.00 10.81 ? 25  THR B CA  1 
ATOM   436 C  C   . THR B 1 25 ? 4.345   1.103   -5.949  1.00 10.21 ? 25  THR B C   1 
ATOM   437 O  O   . THR B 1 25 ? 5.340   0.853   -5.245  1.00 10.22 ? 25  THR B O   1 
ATOM   438 C  CB  . THR B 1 25 ? 5.241   0.966   -8.272  1.00 11.34 ? 25  THR B CB  1 
ATOM   439 O  OG1 . THR B 1 25 ? 5.462   1.801   -9.407  1.00 12.08 ? 25  THR B OG1 1 
ATOM   440 C  CG2 . THR B 1 25 ? 4.464   -0.315  -8.630  1.00 10.99 ? 25  THR B CG2 1 
ATOM   441 N  N   . LEU B 1 26 ? 3.110   0.745   -5.611  1.00 9.62  ? 26  LEU B N   1 
ATOM   442 C  CA  . LEU B 1 26 ? 2.832   -0.003  -4.390  1.00 9.41  ? 26  LEU B CA  1 
ATOM   443 C  C   . LEU B 1 26 ? 3.268   -1.449  -4.572  1.00 9.11  ? 26  LEU B C   1 
ATOM   444 O  O   . LEU B 1 26 ? 2.885   -2.109  -5.550  1.00 8.95  ? 26  LEU B O   1 
ATOM   445 C  CB  . LEU B 1 26 ? 1.338   0.079   -4.083  1.00 9.38  ? 26  LEU B CB  1 
ATOM   446 C  CG  . LEU B 1 26 ? 0.834   1.479   -3.695  1.00 9.42  ? 26  LEU B CG  1 
ATOM   447 C  CD1 . LEU B 1 26 ? -0.676  1.427   -3.547  1.00 9.34  ? 26  LEU B CD1 1 
ATOM   448 C  CD2 . LEU B 1 26 ? 1.521   1.953   -2.414  1.00 9.58  ? 26  LEU B CD2 1 
ATOM   449 N  N   . VAL B 1 27 ? 4.109   -1.964  -3.679  1.00 9.02  ? 27  VAL B N   1 
ATOM   450 C  CA  . VAL B 1 27 ? 4.594   -3.342  -3.740  1.00 9.19  ? 27  VAL B CA  1 
ATOM   451 C  C   . VAL B 1 27 ? 4.234   -4.065  -2.458  1.00 9.34  ? 27  VAL B C   1 
ATOM   452 O  O   . VAL B 1 27 ? 4.236   -3.462  -1.384  1.00 9.11  ? 27  VAL B O   1 
ATOM   453 C  CB  . VAL B 1 27 ? 6.137   -3.329  -3.944  1.00 9.26  ? 27  VAL B CB  1 
ATOM   454 C  CG1 . VAL B 1 27 ? 6.769   -4.713  -3.814  1.00 9.29  ? 27  VAL B CG1 1 
ATOM   455 C  CG2 . VAL B 1 27 ? 6.410   -2.816  -5.343  1.00 8.96  ? 27  VAL B CG2 1 
ATOM   456 N  N   . CYS B 1 28 ? 3.904   -5.348  -2.551  1.00 9.53  ? 28  CYS B N   1 
ATOM   457 C  CA  . CYS B 1 28 ? 3.638   -6.166  -1.376  1.00 9.90  ? 28  CYS B CA  1 
ATOM   458 C  C   . CYS B 1 28 ? 4.108   -7.565  -1.743  1.00 10.23 ? 28  CYS B C   1 
ATOM   459 O  O   . CYS B 1 28 ? 3.899   -8.031  -2.876  1.00 10.03 ? 28  CYS B O   1 
ATOM   460 C  CB  . CYS B 1 28 ? 2.140   -6.193  -1.037  1.00 9.87  ? 28  CYS B CB  1 
ATOM   461 S  SG  . CYS B 1 28 ? 1.718   -7.063  0.504   1.00 9.93  ? 28  CYS B SG  1 
ATOM   462 N  N   . CYS B 1 29 ? 4.783   -8.236  -0.797  1.00 10.68 ? 29  CYS B N   1 
ATOM   463 C  CA  . CYS B 1 29 ? 5.316   -9.591  -0.974  1.00 11.29 ? 29  CYS B CA  1 
ATOM   464 C  C   . CYS B 1 29 ? 6.218   -9.621  -2.205  1.00 11.79 ? 29  CYS B C   1 
ATOM   465 O  O   . CYS B 1 29 ? 6.202   -10.535 -3.050  1.00 12.01 ? 29  CYS B O   1 
ATOM   466 C  CB  . CYS B 1 29 ? 4.182   -10.635 -1.128  1.00 10.95 ? 29  CYS B CB  1 
ATOM   467 S  SG  . CYS B 1 29 ? 3.087   -10.818 0.309   1.00 10.86 ? 29  CYS B SG  1 
ATOM   468 N  N   . GLY B 1 30 ? 7.003   -8.555  -2.344  1.00 12.27 ? 30  GLY B N   1 
ATOM   469 C  CA  . GLY B 1 30 ? 7.951   -8.477  -3.434  1.00 12.93 ? 30  GLY B CA  1 
ATOM   470 C  C   . GLY B 1 30 ? 7.327   -8.187  -4.780  1.00 13.50 ? 30  GLY B C   1 
ATOM   471 O  O   . GLY B 1 30 ? 8.098   -8.042  -5.731  1.00 14.27 ? 30  GLY B O   1 
ATOM   472 N  N   . GLU B 1 31 ? 6.013   -8.084  -5.009  1.00 13.37 ? 31  GLU B N   1 
ATOM   473 C  CA  . GLU B 1 31 ? 5.581   -7.727  -6.351  1.00 13.15 ? 31  GLU B CA  1 
ATOM   474 C  C   . GLU B 1 31 ? 4.542   -6.636  -6.365  1.00 12.16 ? 31  GLU B C   1 
ATOM   475 O  O   . GLU B 1 31 ? 3.969   -6.298  -5.324  1.00 11.75 ? 31  GLU B O   1 
ATOM   476 C  CB  . GLU B 1 31 ? 5.058   -8.951  -7.069  1.00 14.36 ? 31  GLU B CB  1 
ATOM   477 C  CG  . GLU B 1 31 ? 4.033   -9.778  -6.365  1.00 15.45 ? 31  GLU B CG  1 
ATOM   478 C  CD  . GLU B 1 31 ? 3.741   -11.062 -7.149  1.00 16.46 ? 31  GLU B CD  1 
ATOM   479 O  OE1 . GLU B 1 31 ? 4.680   -11.726 -7.623  0.50 16.53 ? 31  GLU B OE1 1 
ATOM   480 O  OE2 . GLU B 1 31 ? 2.563   -11.411 -7.258  0.50 16.41 ? 31  GLU B OE2 1 
ATOM   481 N  N   . ASP B 1 32 ? 4.365   -6.048  -7.531  1.00 11.33 ? 32  ASP B N   1 
ATOM   482 C  CA  . ASP B 1 32 ? 3.435   -4.957  -7.723  1.00 11.21 ? 32  ASP B CA  1 
ATOM   483 C  C   . ASP B 1 32 ? 2.030   -5.352  -7.348  1.00 10.75 ? 32  ASP B C   1 
ATOM   484 O  O   . ASP B 1 32 ? 1.501   -6.355  -7.829  1.00 10.66 ? 32  ASP B O   1 
ATOM   485 C  CB  . ASP B 1 32 ? 3.424   -4.494  -9.181  1.00 11.61 ? 32  ASP B CB  1 
ATOM   486 C  CG  . ASP B 1 32 ? 4.708   -3.822  -9.661  1.00 12.42 ? 32  ASP B CG  1 
ATOM   487 O  OD1 . ASP B 1 32 ? 5.689   -3.734  -8.912  1.00 12.70 ? 32  ASP B OD1 1 
ATOM   488 O  OD2 . ASP B 1 32 ? 4.718   -3.357  -10.805 1.00 13.12 ? 32  ASP B OD2 1 
ATOM   489 N  N   . MET B 1 33 ? 1.427   -4.581  -6.449  1.00 10.05 ? 33  MET B N   1 
ATOM   490 C  CA  . MET B 1 33 ? 0.023   -4.770  -6.107  1.00 9.35  ? 33  MET B CA  1 
ATOM   491 C  C   . MET B 1 33 ? -0.827  -4.487  -7.358  1.00 9.21  ? 33  MET B C   1 
ATOM   492 O  O   . MET B 1 33 ? -0.455  -3.709  -8.256  1.00 9.05  ? 33  MET B O   1 
ATOM   493 C  CB  . MET B 1 33 ? -0.353  -3.821  -4.968  1.00 8.85  ? 33  MET B CB  1 
ATOM   494 C  CG  . MET B 1 33 ? 0.402   -4.177  -3.694  1.00 8.69  ? 33  MET B CG  1 
ATOM   495 S  SD  . MET B 1 33 ? -0.122  -3.153  -2.294  1.00 8.57  ? 33  MET B SD  1 
ATOM   496 C  CE  . MET B 1 33 ? -1.534  -4.064  -1.720  1.00 8.44  ? 33  MET B CE  1 
ATOM   497 N  N   . VAL B 1 34 ? -1.950  -5.189  -7.465  1.00 9.16  ? 34  VAL B N   1 
ATOM   498 C  CA  . VAL B 1 34 ? -2.797  -5.121  -8.650  1.00 9.60  ? 34  VAL B CA  1 
ATOM   499 C  C   . VAL B 1 34 ? -3.979  -4.191  -8.405  1.00 10.08 ? 34  VAL B C   1 
ATOM   500 O  O   . VAL B 1 34 ? -4.724  -4.389  -7.433  1.00 9.96  ? 34  VAL B O   1 
ATOM   501 C  CB  . VAL B 1 34 ? -3.283  -6.571  -9.002  1.00 9.59  ? 34  VAL B CB  1 
ATOM   502 C  CG1 . VAL B 1 34 ? -4.193  -6.554  -10.243 1.00 9.52  ? 34  VAL B CG1 1 
ATOM   503 C  CG2 . VAL B 1 34 ? -2.056  -7.478  -9.231  1.00 9.26  ? 34  VAL B CG2 1 
ATOM   504 N  N   . LYS B 1 35 ? -4.186  -3.191  -9.262  1.00 10.68 ? 35  LYS B N   1 
ATOM   505 C  CA  . LYS B 1 35 ? -5.326  -2.284  -9.120  1.00 11.52 ? 35  LYS B CA  1 
ATOM   506 C  C   . LYS B 1 35 ? -6.626  -3.053  -9.353  1.00 11.57 ? 35  LYS B C   1 
ATOM   507 O  O   . LYS B 1 35 ? -6.724  -3.882  -10.272 1.00 11.12 ? 35  LYS B O   1 
ATOM   508 C  CB  . LYS B 1 35 ? -5.208  -1.152  -10.126 1.00 12.12 ? 35  LYS B CB  1 
ATOM   509 C  CG  . LYS B 1 35 ? -6.325  -0.145  -10.086 1.00 13.27 ? 35  LYS B CG  1 
ATOM   510 C  CD  . LYS B 1 35 ? -5.953  0.961   -11.044 1.00 14.40 ? 35  LYS B CD  1 
ATOM   511 C  CE  . LYS B 1 35 ? -7.213  1.723   -11.366 1.00 15.71 ? 35  LYS B CE  1 
ATOM   512 N  NZ  . LYS B 1 35 ? -6.918  2.763   -12.343 1.00 17.10 ? 35  LYS B NZ  1 
ATOM   513 N  N   . GLN B 1 36 ? -7.615  -2.800  -8.510  1.00 11.57 ? 36  GLN B N   1 
ATOM   514 C  CA  . GLN B 1 36 ? -8.905  -3.464  -8.621  1.00 12.22 ? 36  GLN B CA  1 
ATOM   515 C  C   . GLN B 1 36 ? -9.913  -2.523  -9.289  1.00 12.64 ? 36  GLN B C   1 
ATOM   516 O  O   . GLN B 1 36 ? -9.830  -1.322  -9.072  1.00 13.02 ? 36  GLN B O   1 
ATOM   517 C  CB  . GLN B 1 36 ? -9.379  -3.872  -7.211  1.00 12.07 ? 36  GLN B CB  1 
ATOM   518 C  CG  . GLN B 1 36 ? -8.394  -4.838  -6.521  1.00 12.03 ? 36  GLN B CG  1 
ATOM   519 C  CD  . GLN B 1 36 ? -8.227  -6.174  -7.250  1.00 11.93 ? 36  GLN B CD  1 
ATOM   520 O  OE1 . GLN B 1 36 ? -9.204  -6.908  -7.422  1.00 11.78 ? 36  GLN B OE1 1 
ATOM   521 N  NE2 . GLN B 1 36 ? -7.045  -6.549  -7.716  1.00 11.51 ? 36  GLN B NE2 1 
ATOM   522 O  OXT . GLN B 1 36 ? -10.754 -2.970  -10.063 1.00 13.24 ? 36  GLN B OXT 1 
HETATM 523 FE FE  . FE  C 2 .  ? 6.724   6.175   -2.567  1.00 10.56 ? 37  FE  A FE  1 
HETATM 524 FE FE  . FE  D 2 .  ? 1.425   -9.289  0.054   1.00 11.28 ? 37  FE  B FE  1 
HETATM 525 O  O   . HOH E 3 .  ? 3.787   -3.049  5.834   1.00 16.11 ? 101 HOH A O   1 
HETATM 526 O  O   . HOH E 3 .  ? -2.220  3.487   11.375  1.00 13.61 ? 102 HOH A O   1 
HETATM 527 O  O   . HOH E 3 .  ? 1.890   12.932  2.021   1.00 35.27 ? 107 HOH A O   1 
HETATM 528 O  O   . HOH E 3 .  ? -11.985 -11.027 1.761   1.00 29.18 ? 120 HOH A O   1 
HETATM 529 O  O   . HOH E 3 .  ? 5.548   9.206   9.420   1.00 20.30 ? 121 HOH A O   1 
HETATM 530 O  O   . HOH E 3 .  ? 6.999   -6.366  -0.308  1.00 14.43 ? 122 HOH A O   1 
HETATM 531 O  O   . HOH E 3 .  ? 7.862   3.769   1.450   1.00 10.78 ? 123 HOH A O   1 
HETATM 532 O  O   . HOH E 3 .  ? 8.711   5.061   3.669   1.00 10.47 ? 124 HOH A O   1 
HETATM 533 O  O   . HOH E 3 .  ? 12.883  -0.248  4.118   1.00 13.72 ? 125 HOH A O   1 
HETATM 534 O  O   . HOH E 3 .  ? -5.470  -11.756 3.655   1.00 26.89 ? 129 HOH A O   1 
HETATM 535 O  O   . HOH E 3 .  ? 5.842   -1.387  6.189   1.00 21.43 ? 131 HOH A O   1 
HETATM 536 O  O   . HOH E 3 .  ? 2.470   -5.531  7.003   1.00 34.65 ? 133 HOH A O   1 
HETATM 537 O  O   . HOH E 3 .  ? -6.090  -0.327  12.809  1.00 30.01 ? 134 HOH A O   1 
HETATM 538 O  O   . HOH E 3 .  ? -8.750  4.094   9.785   1.00 41.19 ? 135 HOH A O   1 
HETATM 539 O  O   . HOH E 3 .  ? 7.984   14.030  -1.523  1.00 43.49 ? 136 HOH A O   1 
HETATM 540 O  O   . HOH E 3 .  ? 3.424   3.450   14.154  1.00 45.80 ? 137 HOH A O   1 
HETATM 541 O  O   . HOH E 3 .  ? 2.500   13.051  -2.607  1.00 35.18 ? 142 HOH A O   1 
HETATM 542 O  O   . HOH E 3 .  ? 4.736   -1.108  10.365  1.00 31.71 ? 146 HOH A O   1 
HETATM 543 O  O   . HOH E 3 .  ? -2.791  -2.018  14.354  1.00 41.91 ? 152 HOH A O   1 
HETATM 544 O  O   . HOH E 3 .  ? -11.744 -2.658  6.579   1.00 42.94 ? 153 HOH A O   1 
HETATM 545 O  O   . HOH E 3 .  ? -10.489 -0.227  7.562   1.00 44.95 ? 154 HOH A O   1 
HETATM 546 O  O   . HOH E 3 .  ? -11.349 2.016   9.518   1.00 29.96 ? 155 HOH A O   1 
HETATM 547 O  O   . HOH E 3 .  ? -9.801  6.526   5.951   1.00 31.96 ? 156 HOH A O   1 
HETATM 548 O  O   . HOH E 3 .  ? 15.411  0.840   1.848   1.00 45.91 ? 157 HOH A O   1 
HETATM 549 O  O   . HOH E 3 .  ? 11.055  -2.957  -4.151  1.00 46.54 ? 158 HOH A O   1 
HETATM 550 O  O   . HOH E 3 .  ? 10.086  -0.394  -4.274  1.00 40.74 ? 159 HOH A O   1 
HETATM 551 O  O   . HOH E 3 .  ? -3.887  6.401   11.539  1.00 44.88 ? 164 HOH A O   1 
HETATM 552 O  O   . HOH F 3 .  ? 0.864   1.248   -7.392  1.00 11.43 ? 100 HOH B O   1 
HETATM 553 O  O   . HOH F 3 .  ? 1.549   -7.520  -4.562  1.00 8.98  ? 103 HOH B O   1 
HETATM 554 O  O   . HOH F 3 .  ? 0.198   -9.302  -6.082  1.00 16.05 ? 104 HOH B O   1 
HETATM 555 O  O   . HOH F 3 .  ? -6.683  -9.272  -8.584  1.00 16.16 ? 105 HOH B O   1 
HETATM 556 O  O   . HOH F 3 .  ? -7.999  -10.105 -0.307  1.00 24.38 ? 106 HOH B O   1 
HETATM 557 O  O   . HOH F 3 .  ? 6.536   4.410   -9.893  1.00 20.96 ? 108 HOH B O   1 
HETATM 558 O  O   . HOH F 3 .  ? 1.320   3.739   -8.646  1.00 35.88 ? 109 HOH B O   1 
HETATM 559 O  O   . HOH F 3 .  ? 8.019   0.564   -5.502  1.00 31.28 ? 111 HOH B O   1 
HETATM 560 O  O   . HOH F 3 .  ? 11.520  3.168   -7.170  1.00 17.81 ? 112 HOH B O   1 
HETATM 561 O  O   . HOH F 3 .  ? 7.834   0.481   -10.737 1.00 23.39 ? 113 HOH B O   1 
HETATM 562 O  O   . HOH F 3 .  ? 7.420   -12.496 -4.850  1.00 31.00 ? 114 HOH B O   1 
HETATM 563 O  O   . HOH F 3 .  ? 2.108   -8.198  -9.750  1.00 24.88 ? 115 HOH B O   1 
HETATM 564 O  O   . HOH F 3 .  ? 0.133   -3.983  -10.974 1.00 20.20 ? 116 HOH B O   1 
HETATM 565 O  O   . HOH F 3 .  ? -2.410  -3.050  -11.672 1.00 16.68 ? 117 HOH B O   1 
HETATM 566 O  O   . HOH F 3 .  ? 1.249   -1.396  -7.844  1.00 9.78  ? 118 HOH B O   1 
HETATM 567 O  O   . HOH F 3 .  ? 1.452   -0.602  -10.501 1.00 18.44 ? 119 HOH B O   1 
HETATM 568 O  O   . HOH F 3 .  ? -0.796  -17.453 -1.272  1.00 15.87 ? 126 HOH B O   1 
HETATM 569 O  O   . HOH F 3 .  ? 5.482   -7.309  -9.827  1.00 33.55 ? 127 HOH B O   1 
HETATM 570 O  O   . HOH F 3 .  ? 7.060   -3.332  -12.309 1.00 20.44 ? 128 HOH B O   1 
HETATM 571 O  O   . HOH F 3 .  ? 8.616   3.114   -6.921  1.00 13.20 ? 130 HOH B O   1 
HETATM 572 O  O   . HOH F 3 .  ? -9.269  7.913   -1.031  1.00 25.38 ? 132 HOH B O   1 
HETATM 573 O  O   . HOH F 3 .  ? -1.099  0.596   -11.369 1.00 29.25 ? 138 HOH B O   1 
HETATM 574 O  O   . HOH F 3 .  ? 2.225   -2.865  -12.287 1.00 23.77 ? 139 HOH B O   1 
HETATM 575 O  O   . HOH F 3 .  ? 1.294   -3.439  -14.890 1.00 46.33 ? 140 HOH B O   1 
HETATM 576 O  O   . HOH F 3 .  ? 5.642   11.444  -5.850  1.00 31.63 ? 141 HOH B O   1 
HETATM 577 O  O   . HOH F 3 .  ? -9.167  0.996   -7.940  1.00 13.47 ? 143 HOH B O   1 
HETATM 578 O  O   . HOH F 3 .  ? -4.526  -14.293 -1.820  1.00 39.15 ? 144 HOH B O   1 
HETATM 579 O  O   . HOH F 3 .  ? -1.846  -1.003  -13.411 1.00 40.57 ? 145 HOH B O   1 
HETATM 580 O  O   . HOH F 3 .  ? 5.792   11.648  -8.592  1.00 38.24 ? 147 HOH B O   1 
HETATM 581 O  O   . HOH F 3 .  ? -4.921  -16.057 0.268   1.00 40.85 ? 148 HOH B O   1 
HETATM 582 O  O   . HOH F 3 .  ? -7.726  -8.607  -11.124 1.00 44.75 ? 149 HOH B O   1 
HETATM 583 O  O   . HOH F 3 .  ? 12.436  0.575   -6.529  1.00 29.24 ? 150 HOH B O   1 
HETATM 584 O  O   . HOH F 3 .  ? 10.195  -9.499  -1.059  1.00 50.03 ? 151 HOH B O   1 
HETATM 585 O  O   . HOH F 3 .  ? -3.402  4.257   -9.982  1.00 39.64 ? 160 HOH B O   1 
HETATM 586 O  O   . HOH F 3 .  ? -4.022  12.880  -3.420  1.00 25.71 ? 161 HOH B O   1 
HETATM 587 O  O   . HOH F 3 .  ? -5.092  11.299  -7.163  1.00 33.04 ? 162 HOH B O   1 
HETATM 588 O  O   . HOH F 3 .  ? 0.253   10.394  -9.012  1.00 44.53 ? 163 HOH B O   1 
HETATM 589 O  O   . HOH F 3 .  ? 0.359   -10.381 -8.849  1.00 45.34 ? 165 HOH B O   1 
HETATM 590 O  O   . HOH F 3 .  ? 0.379   12.288  5.470   1.00 42.21 ? 166 HOH B O   1 
HETATM 591 O  O   . HOH F 3 .  ? 0.578   -6.886  -12.177 1.00 45.71 ? 167 HOH B O   1 
HETATM 592 O  O   . HOH F 3 .  ? 4.072   -5.510  -12.816 1.00 45.00 ? 168 HOH B O   1 
HETATM 593 O  O   . HOH F 3 .  ? -9.711  -1.158  -12.402 1.00 47.36 ? 169 HOH B O   1 
# 
